data_8Q3J
#
_entry.id   8Q3J
#
_cell.length_a   73.800
_cell.length_b   66.940
_cell.length_c   129.050
_cell.angle_alpha   90.000
_cell.angle_beta   104.727
_cell.angle_gamma   90.000
#
_symmetry.space_group_name_H-M   'P 1 21 1'
#
loop_
_entity.id
_entity.type
_entity.pdbx_description
1 polymer 'Interleukin-1 family member 10'
2 polymer 'Fab e04 Light Chain (e04 LC)'
3 polymer 'Fab e04 Heavy Chain (e04 HC)'
4 non-polymer 'PHOSPHATE ION'
5 water water
#
loop_
_entity_poly.entity_id
_entity_poly.type
_entity_poly.pdbx_seq_one_letter_code
_entity_poly.pdbx_strand_id
1 'polypeptide(L)'
;MCSLPMARYYIIKDAHQKALYTRNGQLLLGDPDSDNYSPEKVCILPNRGLDRSKVPIFLGMQGGSCCLACVKTREGPLLQ
LEDVNIEDLYKGGEQTTRFTFFQRSLGSAFRLEAAACPGWFLCGPAEPQQPVQLTKESEPSTHTEFYFEMSR
;
A,D
2 'polypeptide(L)'
;EVQDIQMTQSPSSLSASVGDRVTITCRASQSYYSYVAWYQQKPGKAPKLLIYSASSLYSGVPSRFSGSRSGTDFTLTISS
LQPEDFATYYCQQVFAPITFGQGTKVEIKRTVAAPSVFIFPPSDSQLKSGTASVVCLLNNFYPREAKVQWKVDNALQSGN
SQESVTEQDSKDSTYSLSSTLTLSKADYEKHKVYACEVTHQGLSSPVTKSFNRGECGHHHHHH
;
B,E
3 'polypeptide(L)'
;EVQPEISEVQLVESGGGLVQPGGSLRLSCAASGFSFSSSSIHWVRQAPGKGLEWVASISPYYSYTSYADSVKGRFTISAD
TSKNTAYLQMNSLRAEDTAVYYCARTVRGSKKPYFSGWAMDYWGQGTLVTVSSASTKGPSVFPLAPSSKSTSGGTAALGC
LVKDYFPEPVTVSWNSGALTSGVHTFPAVLQSSGLYSLSRVVTVPSSSLGTQTYICNVNHKPSNTKVDKKVEPKSCDKTH
T
;
C,F
#
# COMPACT_ATOMS: atom_id res chain seq x y z
N CYS A 2 -40.13 0.20 2.10
CA CYS A 2 -40.78 1.50 2.23
C CYS A 2 -42.29 1.31 2.11
N SER A 3 -42.78 0.14 2.52
CA SER A 3 -44.21 -0.19 2.46
C SER A 3 -44.76 -0.23 3.89
N LEU A 4 -45.20 0.92 4.37
CA LEU A 4 -45.70 1.09 5.73
C LEU A 4 -46.90 2.05 5.69
N PRO A 5 -47.55 2.34 6.82
CA PRO A 5 -48.66 3.31 6.79
C PRO A 5 -48.15 4.72 6.56
N MET A 6 -48.82 5.44 5.66
CA MET A 6 -48.45 6.80 5.28
C MET A 6 -47.02 6.85 4.70
N ALA A 7 -46.68 5.84 3.88
CA ALA A 7 -45.34 5.64 3.33
C ALA A 7 -45.35 5.92 1.84
N ARG A 8 -44.52 6.87 1.41
CA ARG A 8 -44.49 7.27 0.00
C ARG A 8 -43.06 7.51 -0.47
N TYR A 9 -42.86 7.30 -1.77
CA TYR A 9 -41.59 7.57 -2.43
C TYR A 9 -41.55 8.99 -2.96
N TYR A 10 -40.34 9.55 -3.04
CA TYR A 10 -40.19 10.95 -3.40
C TYR A 10 -38.79 11.21 -3.94
N ILE A 11 -38.72 12.32 -4.67
CA ILE A 11 -37.51 12.96 -5.15
C ILE A 11 -37.56 14.38 -4.58
N ILE A 12 -36.43 14.91 -4.12
CA ILE A 12 -36.38 16.19 -3.42
C ILE A 12 -35.62 17.20 -4.25
N LYS A 13 -36.28 18.29 -4.64
CA LYS A 13 -35.67 19.33 -5.45
C LYS A 13 -35.58 20.65 -4.68
N ASP A 14 -34.69 21.54 -5.14
CA ASP A 14 -34.62 22.89 -4.63
C ASP A 14 -35.32 23.82 -5.60
N ALA A 15 -35.29 25.13 -5.30
CA ALA A 15 -35.98 26.11 -6.14
C ALA A 15 -35.48 26.09 -7.59
N HIS A 16 -34.27 25.58 -7.85
CA HIS A 16 -33.65 25.64 -9.16
C HIS A 16 -33.54 24.27 -9.84
N GLN A 17 -34.47 23.37 -9.53
CA GLN A 17 -34.64 22.06 -10.20
C GLN A 17 -33.45 21.12 -10.00
N LYS A 18 -32.58 21.41 -9.04
CA LYS A 18 -31.55 20.46 -8.61
C LYS A 18 -32.12 19.49 -7.57
N ALA A 19 -31.59 18.26 -7.59
CA ALA A 19 -32.11 17.11 -6.86
C ALA A 19 -31.09 16.64 -5.83
N LEU A 20 -31.60 16.22 -4.66
CA LEU A 20 -30.76 15.58 -3.68
C LEU A 20 -30.20 14.28 -4.24
N TYR A 21 -28.89 14.09 -4.11
CA TYR A 21 -28.23 12.86 -4.42
C TYR A 21 -27.16 12.65 -3.36
N THR A 22 -26.48 11.50 -3.40
CA THR A 22 -25.40 11.22 -2.48
C THR A 22 -24.18 10.73 -3.24
N ARG A 23 -23.01 11.09 -2.72
CA ARG A 23 -21.74 10.54 -3.13
C ARG A 23 -21.00 10.15 -1.87
N ASN A 24 -20.69 8.86 -1.76
CA ASN A 24 -20.04 8.28 -0.59
C ASN A 24 -20.60 8.84 0.72
N GLY A 25 -21.92 8.80 0.85
CA GLY A 25 -22.60 9.19 2.08
C GLY A 25 -22.82 10.68 2.28
N GLN A 26 -22.35 11.53 1.38
CA GLN A 26 -22.49 12.96 1.56
C GLN A 26 -23.65 13.44 0.71
N LEU A 27 -24.60 14.11 1.36
CA LEU A 27 -25.79 14.59 0.68
C LEU A 27 -25.45 15.86 -0.10
N LEU A 28 -25.76 15.87 -1.40
CA LEU A 28 -25.38 16.95 -2.28
C LEU A 28 -26.59 17.34 -3.13
N LEU A 29 -26.45 18.45 -3.87
CA LEU A 29 -27.50 18.92 -4.76
C LEU A 29 -26.97 18.96 -6.19
N GLY A 30 -27.74 18.44 -7.13
CA GLY A 30 -27.22 18.35 -8.48
C GLY A 30 -28.33 18.21 -9.51
N ASP A 31 -27.92 18.40 -10.76
CA ASP A 31 -28.85 18.32 -11.86
C ASP A 31 -29.29 16.88 -12.06
N PRO A 32 -30.58 16.57 -11.92
CA PRO A 32 -31.03 15.18 -12.13
C PRO A 32 -30.71 14.66 -13.52
N ASP A 33 -30.44 15.54 -14.46
CA ASP A 33 -30.39 15.15 -15.86
C ASP A 33 -28.98 14.82 -16.33
N SER A 34 -27.96 15.39 -15.68
CA SER A 34 -26.59 14.96 -15.92
C SER A 34 -26.43 13.50 -15.48
N ASP A 35 -25.72 12.72 -16.30
CA ASP A 35 -25.41 11.36 -15.92
C ASP A 35 -24.51 11.29 -14.70
N ASN A 36 -24.11 12.43 -14.15
CA ASN A 36 -23.24 12.45 -12.97
C ASN A 36 -24.02 12.39 -11.66
N TYR A 37 -25.25 12.87 -11.64
CA TYR A 37 -26.02 13.02 -10.40
C TYR A 37 -27.36 12.33 -10.53
N SER A 38 -27.42 11.03 -10.24
CA SER A 38 -28.73 10.39 -10.15
C SER A 38 -29.35 10.67 -8.78
N PRO A 39 -30.62 11.05 -8.72
CA PRO A 39 -31.17 11.53 -7.46
C PRO A 39 -31.53 10.40 -6.49
N GLU A 40 -31.43 10.72 -5.20
CA GLU A 40 -31.84 9.80 -4.16
C GLU A 40 -33.35 9.56 -4.24
N LYS A 41 -33.72 8.30 -4.33
CA LYS A 41 -35.09 7.87 -4.21
C LYS A 41 -35.35 7.84 -2.70
N VAL A 42 -36.23 8.73 -2.23
CA VAL A 42 -36.35 9.01 -0.80
C VAL A 42 -37.67 8.46 -0.30
N CYS A 43 -37.60 7.64 0.76
CA CYS A 43 -38.78 7.24 1.52
C CYS A 43 -39.10 8.29 2.59
N ILE A 44 -40.37 8.67 2.70
CA ILE A 44 -40.79 9.59 3.74
C ILE A 44 -41.80 8.89 4.64
N LEU A 45 -41.55 8.94 5.95
CA LEU A 45 -42.40 8.35 6.96
C LEU A 45 -42.69 9.37 8.04
N PRO A 46 -43.92 9.40 8.55
CA PRO A 46 -44.24 10.30 9.67
C PRO A 46 -43.75 9.73 10.99
N ASN A 47 -43.49 10.63 11.92
CA ASN A 47 -43.12 10.25 13.27
C ASN A 47 -44.35 10.47 14.12
N ARG A 48 -45.04 9.39 14.45
CA ARG A 48 -46.36 9.62 15.02
C ARG A 48 -46.30 10.17 16.44
N GLY A 49 -45.17 10.09 17.12
CA GLY A 49 -45.07 10.61 18.47
C GLY A 49 -44.68 12.07 18.68
N LEU A 50 -44.36 12.79 17.61
CA LEU A 50 -44.12 14.23 17.76
C LEU A 50 -45.35 15.00 17.29
N ASP A 51 -45.32 16.32 17.50
CA ASP A 51 -46.49 17.17 17.29
C ASP A 51 -46.87 17.19 15.81
N ARG A 52 -48.02 16.56 15.48
CA ARG A 52 -48.41 16.41 14.08
C ARG A 52 -48.56 17.75 13.36
N SER A 53 -48.86 18.83 14.09
CA SER A 53 -49.08 20.11 13.41
C SER A 53 -47.77 20.70 12.90
N LYS A 54 -46.64 20.13 13.29
CA LYS A 54 -45.35 20.53 12.76
C LYS A 54 -44.89 19.62 11.63
N VAL A 55 -45.73 18.67 11.22
CA VAL A 55 -45.47 17.68 10.18
C VAL A 55 -44.12 17.00 10.41
N PRO A 56 -43.98 16.20 11.47
CA PRO A 56 -42.73 15.49 11.70
C PRO A 56 -42.59 14.30 10.76
N ILE A 57 -41.41 14.20 10.12
CA ILE A 57 -41.15 13.19 9.10
C ILE A 57 -39.74 12.65 9.26
N PHE A 58 -39.55 11.42 8.79
CA PHE A 58 -38.25 10.81 8.61
C PHE A 58 -37.87 10.87 7.13
N LEU A 59 -36.56 10.90 6.87
CA LEU A 59 -36.00 11.01 5.52
C LEU A 59 -35.09 9.82 5.23
N GLY A 60 -35.54 8.91 4.36
CA GLY A 60 -34.79 7.71 4.06
C GLY A 60 -34.27 7.67 2.64
N MET A 61 -32.95 7.84 2.48
CA MET A 61 -32.35 7.66 1.18
C MET A 61 -32.17 6.17 0.89
N GLN A 62 -31.92 5.88 -0.38
CA GLN A 62 -31.71 4.52 -0.84
C GLN A 62 -32.94 3.67 -0.53
N GLY A 63 -34.09 4.17 -0.97
CA GLY A 63 -35.35 3.48 -0.73
C GLY A 63 -35.70 3.26 0.73
N GLY A 64 -35.11 4.06 1.63
CA GLY A 64 -35.37 3.92 3.05
C GLY A 64 -34.35 3.11 3.83
N SER A 65 -33.17 2.87 3.26
CA SER A 65 -32.19 2.04 3.96
C SER A 65 -31.23 2.84 4.82
N CYS A 66 -31.00 4.11 4.50
CA CYS A 66 -30.20 4.96 5.36
C CYS A 66 -30.92 6.29 5.56
N CYS A 67 -30.93 6.76 6.79
CA CYS A 67 -31.74 7.91 7.15
C CYS A 67 -30.87 9.07 7.59
N LEU A 68 -31.36 10.26 7.28
CA LEU A 68 -30.70 11.51 7.58
C LEU A 68 -30.92 11.90 9.03
N ALA A 69 -29.86 12.33 9.71
CA ALA A 69 -29.94 12.68 11.12
C ALA A 69 -29.21 13.99 11.41
N CYS A 70 -29.62 14.68 12.46
CA CYS A 70 -28.89 15.84 12.96
C CYS A 70 -28.16 15.43 14.24
N VAL A 71 -26.84 15.61 14.27
CA VAL A 71 -26.04 15.26 15.42
C VAL A 71 -25.37 16.51 15.96
N LYS A 72 -25.39 16.66 17.30
CA LYS A 72 -24.83 17.83 17.98
C LYS A 72 -23.34 17.62 18.23
N THR A 73 -22.49 18.43 17.56
CA THR A 73 -21.05 18.33 17.74
C THR A 73 -20.41 19.68 18.06
N ARG A 74 -19.07 19.73 18.06
CA ARG A 74 -18.38 21.00 18.31
C ARG A 74 -18.64 21.98 17.18
N GLU A 75 -18.38 21.54 15.94
CA GLU A 75 -18.65 22.37 14.78
C GLU A 75 -20.12 22.80 14.66
N GLY A 76 -20.98 22.37 15.57
CA GLY A 76 -22.39 22.72 15.53
C GLY A 76 -23.27 21.49 15.39
N PRO A 77 -24.48 21.69 14.87
CA PRO A 77 -25.25 20.55 14.38
C PRO A 77 -24.68 20.10 13.05
N LEU A 78 -24.84 18.81 12.76
CA LEU A 78 -24.22 18.20 11.59
C LEU A 78 -25.18 17.18 10.97
N LEU A 79 -25.40 17.32 9.66
CA LEU A 79 -26.08 16.29 8.89
C LEU A 79 -25.21 15.05 8.82
N GLN A 80 -25.85 13.89 8.93
CA GLN A 80 -25.18 12.60 8.84
C GLN A 80 -26.15 11.60 8.24
N LEU A 81 -25.66 10.79 7.30
CA LEU A 81 -26.42 9.64 6.81
C LEU A 81 -26.07 8.42 7.65
N GLU A 82 -27.08 7.68 8.10
CA GLU A 82 -26.80 6.56 8.98
C GLU A 82 -27.48 5.28 8.50
N ASP A 83 -26.75 4.19 8.71
CA ASP A 83 -27.14 2.78 8.56
C ASP A 83 -28.33 2.39 9.43
N VAL A 84 -29.44 3.08 9.26
CA VAL A 84 -30.68 2.86 9.99
C VAL A 84 -31.80 2.77 8.95
N ASN A 85 -32.65 1.74 9.03
CA ASN A 85 -33.75 1.61 8.09
C ASN A 85 -34.98 2.37 8.61
N ILE A 86 -35.79 2.88 7.67
CA ILE A 86 -36.85 3.79 8.06
C ILE A 86 -37.97 3.07 8.83
N GLU A 87 -38.05 1.74 8.68
CA GLU A 87 -39.00 0.96 9.47
C GLU A 87 -38.58 0.82 10.93
N ASP A 88 -37.27 0.77 11.21
CA ASP A 88 -36.84 0.78 12.60
C ASP A 88 -37.21 2.09 13.27
N LEU A 89 -37.20 3.19 12.52
CA LEU A 89 -37.62 4.48 13.06
C LEU A 89 -39.12 4.51 13.31
N TYR A 90 -39.91 3.82 12.47
CA TYR A 90 -41.35 3.76 12.69
C TYR A 90 -41.71 3.06 13.99
N LYS A 91 -40.84 2.17 14.49
CA LYS A 91 -41.05 1.58 15.80
C LYS A 91 -41.13 2.66 16.89
N GLY A 92 -40.33 3.71 16.76
CA GLY A 92 -40.40 4.85 17.68
C GLY A 92 -39.33 4.84 18.75
N GLY A 93 -39.53 5.73 19.71
CA GLY A 93 -38.64 5.92 20.84
C GLY A 93 -37.99 7.30 20.83
N GLU A 94 -37.28 7.59 21.93
CA GLU A 94 -36.56 8.84 22.04
C GLU A 94 -35.51 8.97 20.94
N GLN A 95 -34.82 7.85 20.62
CA GLN A 95 -33.70 7.92 19.69
C GLN A 95 -34.12 8.31 18.27
N THR A 96 -35.41 8.18 17.93
CA THR A 96 -35.80 8.56 16.58
C THR A 96 -35.98 10.06 16.41
N THR A 97 -35.78 10.86 17.46
CA THR A 97 -36.03 12.30 17.30
C THR A 97 -34.94 12.95 16.45
N ARG A 98 -33.71 12.46 16.56
CA ARG A 98 -32.64 13.16 15.86
C ARG A 98 -32.55 12.75 14.39
N PHE A 99 -33.38 11.79 13.96
CA PHE A 99 -33.70 11.45 12.58
C PHE A 99 -34.98 12.11 12.08
N THR A 100 -35.56 13.00 12.87
CA THR A 100 -36.85 13.58 12.56
C THR A 100 -36.71 15.02 12.10
N PHE A 101 -37.45 15.38 11.05
CA PHE A 101 -37.44 16.73 10.51
C PHE A 101 -38.85 17.29 10.48
N PHE A 102 -38.99 18.56 10.84
CA PHE A 102 -40.31 19.20 10.83
C PHE A 102 -40.55 19.79 9.45
N GLN A 103 -41.65 19.41 8.83
CA GLN A 103 -41.89 19.78 7.43
C GLN A 103 -42.77 21.02 7.41
N ARG A 104 -42.14 22.19 7.44
CA ARG A 104 -42.82 23.46 7.63
C ARG A 104 -43.14 24.10 6.28
N SER A 105 -44.40 24.29 6.00
CA SER A 105 -44.83 24.77 4.69
C SER A 105 -44.67 26.29 4.57
N LEU A 106 -44.00 26.72 3.49
CA LEU A 106 -44.00 28.12 3.06
C LEU A 106 -44.59 28.16 1.66
N GLY A 107 -45.91 28.05 1.57
CA GLY A 107 -46.56 28.03 0.28
C GLY A 107 -46.42 26.66 -0.37
N SER A 108 -46.02 26.66 -1.63
CA SER A 108 -45.90 25.43 -2.40
C SER A 108 -44.60 24.67 -2.11
N ALA A 109 -43.61 25.34 -1.54
CA ALA A 109 -42.34 24.74 -1.17
C ALA A 109 -42.40 24.22 0.26
N PHE A 110 -41.27 23.74 0.75
CA PHE A 110 -41.20 23.36 2.15
C PHE A 110 -39.84 23.68 2.72
N ARG A 111 -39.81 23.91 4.02
CA ARG A 111 -38.60 23.97 4.80
C ARG A 111 -38.48 22.68 5.60
N LEU A 112 -37.25 22.24 5.83
CA LEU A 112 -37.00 21.04 6.63
C LEU A 112 -36.15 21.46 7.82
N GLU A 113 -36.76 21.47 9.01
CA GLU A 113 -36.07 21.82 10.25
C GLU A 113 -35.81 20.58 11.10
N ALA A 114 -34.61 20.49 11.67
CA ALA A 114 -34.21 19.33 12.44
C ALA A 114 -34.80 19.41 13.84
N ALA A 115 -35.54 18.35 14.22
CA ALA A 115 -36.15 18.27 15.54
C ALA A 115 -35.13 18.21 16.67
N ALA A 116 -33.98 17.60 16.44
CA ALA A 116 -33.02 17.52 17.53
C ALA A 116 -32.17 18.77 17.63
N CYS A 117 -32.26 19.65 16.65
CA CYS A 117 -31.46 20.86 16.56
C CYS A 117 -32.42 21.97 16.13
N PRO A 118 -33.35 22.38 17.01
CA PRO A 118 -34.42 23.29 16.58
C PRO A 118 -33.88 24.64 16.18
N GLY A 119 -34.60 25.30 15.29
CA GLY A 119 -34.10 26.51 14.65
C GLY A 119 -33.12 26.28 13.51
N TRP A 120 -32.70 25.04 13.24
CA TRP A 120 -31.77 24.74 12.17
C TRP A 120 -32.48 24.04 11.03
N PHE A 121 -32.18 24.47 9.81
CA PHE A 121 -32.91 24.07 8.63
C PHE A 121 -31.95 23.45 7.63
N LEU A 122 -32.48 22.51 6.86
CA LEU A 122 -31.76 22.02 5.70
C LEU A 122 -31.38 23.20 4.83
N CYS A 123 -30.15 23.20 4.36
CA CYS A 123 -29.57 24.33 3.65
C CYS A 123 -28.80 23.84 2.43
N GLY A 124 -29.16 24.37 1.28
CA GLY A 124 -28.47 24.04 0.05
C GLY A 124 -27.17 24.82 0.00
N PRO A 125 -26.14 24.21 -0.55
CA PRO A 125 -24.87 24.92 -0.75
C PRO A 125 -25.03 26.11 -1.69
N ALA A 126 -24.34 27.19 -1.35
CA ALA A 126 -24.17 28.27 -2.30
C ALA A 126 -23.31 27.81 -3.47
N GLU A 127 -22.06 27.43 -3.20
CA GLU A 127 -21.20 26.85 -4.23
C GLU A 127 -21.66 25.42 -4.55
N PRO A 128 -21.50 24.99 -5.81
CA PRO A 128 -21.81 23.62 -6.25
C PRO A 128 -21.26 22.45 -5.40
N PRO A 131 -21.99 20.89 -0.11
CA PRO A 131 -22.59 19.71 0.52
C PRO A 131 -23.79 20.20 1.27
N VAL A 132 -24.93 19.53 1.31
CA VAL A 132 -26.07 20.11 2.00
C VAL A 132 -25.71 20.26 3.47
N GLN A 133 -26.27 21.27 4.13
CA GLN A 133 -25.86 21.53 5.51
C GLN A 133 -27.08 21.96 6.33
N LEU A 134 -26.80 22.52 7.51
CA LEU A 134 -27.81 23.03 8.41
C LEU A 134 -27.57 24.51 8.67
N THR A 135 -28.65 25.27 8.82
CA THR A 135 -28.56 26.72 8.89
C THR A 135 -29.67 27.26 9.79
N LYS A 136 -29.45 28.46 10.31
CA LYS A 136 -30.52 29.20 11.05
C LYS A 136 -31.05 30.44 10.31
N PRO A 140 -36.98 33.55 5.69
CA PRO A 140 -37.20 32.62 4.58
C PRO A 140 -36.29 32.89 3.40
N SER A 141 -35.62 31.84 2.92
CA SER A 141 -34.66 31.94 1.83
C SER A 141 -34.89 30.79 0.85
N THR A 142 -34.53 31.05 -0.42
CA THR A 142 -34.61 30.03 -1.46
C THR A 142 -33.64 28.89 -1.23
N HIS A 143 -32.54 29.14 -0.50
CA HIS A 143 -31.58 28.09 -0.17
C HIS A 143 -32.08 27.12 0.90
N THR A 144 -33.16 27.43 1.62
CA THR A 144 -33.79 26.51 2.55
C THR A 144 -35.14 26.01 2.06
N GLU A 145 -35.44 26.16 0.77
CA GLU A 145 -36.74 25.82 0.21
C GLU A 145 -36.63 24.52 -0.57
N PHE A 146 -37.59 23.63 -0.36
CA PHE A 146 -37.50 22.33 -1.02
C PHE A 146 -38.88 21.92 -1.52
N TYR A 147 -38.87 20.97 -2.44
CA TYR A 147 -40.04 20.56 -3.20
C TYR A 147 -40.00 19.05 -3.32
N PHE A 148 -41.15 18.42 -3.09
CA PHE A 148 -41.29 16.97 -3.10
C PHE A 148 -42.07 16.57 -4.35
N GLU A 149 -41.47 15.72 -5.17
CA GLU A 149 -42.17 15.07 -6.27
C GLU A 149 -42.17 13.57 -6.04
N MET A 150 -43.32 12.93 -6.24
CA MET A 150 -43.37 11.47 -6.18
C MET A 150 -42.54 10.85 -7.31
N SER A 151 -42.55 11.46 -8.48
CA SER A 151 -41.70 11.02 -9.58
C SER A 151 -40.97 12.21 -10.19
N ILE B 5 -34.62 -8.01 -3.40
CA ILE B 5 -33.36 -7.49 -3.90
C ILE B 5 -32.43 -8.62 -4.37
N GLN B 6 -31.78 -8.40 -5.51
CA GLN B 6 -30.88 -9.37 -6.11
C GLN B 6 -29.65 -8.68 -6.67
N MET B 7 -28.55 -9.41 -6.72
CA MET B 7 -27.29 -8.95 -7.32
C MET B 7 -26.80 -10.06 -8.23
N THR B 8 -27.06 -9.92 -9.54
CA THR B 8 -26.66 -10.92 -10.53
C THR B 8 -25.27 -10.58 -11.04
N GLN B 9 -24.32 -11.49 -10.80
CA GLN B 9 -22.92 -11.29 -11.13
C GLN B 9 -22.59 -12.05 -12.39
N SER B 10 -21.73 -11.49 -13.24
CA SER B 10 -21.32 -12.20 -14.48
C SER B 10 -19.94 -11.75 -14.94
N PRO B 11 -19.09 -12.67 -15.42
CA PRO B 11 -19.33 -14.12 -15.49
C PRO B 11 -19.08 -14.88 -14.19
N SER B 12 -19.51 -16.14 -14.13
CA SER B 12 -19.25 -16.93 -12.94
C SER B 12 -17.77 -17.27 -12.83
N SER B 13 -17.06 -17.28 -13.96
CA SER B 13 -15.63 -17.57 -13.97
C SER B 13 -15.04 -17.09 -15.28
N LEU B 14 -13.76 -16.71 -15.20
CA LEU B 14 -12.99 -16.27 -16.35
C LEU B 14 -11.52 -16.59 -16.10
N SER B 15 -10.78 -16.81 -17.19
CA SER B 15 -9.33 -16.83 -17.11
C SER B 15 -8.76 -15.83 -18.10
N ALA B 16 -7.74 -15.11 -17.66
CA ALA B 16 -7.15 -14.07 -18.47
C ALA B 16 -5.67 -13.98 -18.14
N SER B 17 -4.90 -13.52 -19.11
CA SER B 17 -3.45 -13.51 -19.02
C SER B 17 -2.96 -12.25 -18.31
N VAL B 18 -1.77 -12.35 -17.74
CA VAL B 18 -1.20 -11.23 -16.99
C VAL B 18 -1.20 -9.99 -17.86
N GLY B 19 -1.61 -8.86 -17.27
CA GLY B 19 -1.62 -7.59 -17.95
C GLY B 19 -2.89 -7.28 -18.70
N ASP B 20 -3.70 -8.30 -19.00
CA ASP B 20 -4.95 -8.02 -19.67
C ASP B 20 -5.85 -7.16 -18.78
N ARG B 21 -6.87 -6.63 -19.40
CA ARG B 21 -7.87 -5.83 -18.70
C ARG B 21 -9.06 -6.73 -18.43
N VAL B 22 -9.56 -6.69 -17.20
CA VAL B 22 -10.63 -7.56 -16.74
C VAL B 22 -11.75 -6.68 -16.19
N THR B 23 -12.98 -6.99 -16.57
CA THR B 23 -14.15 -6.38 -15.98
C THR B 23 -15.12 -7.46 -15.51
N ILE B 24 -15.80 -7.20 -14.40
CA ILE B 24 -16.81 -8.08 -13.86
C ILE B 24 -18.07 -7.26 -13.63
N THR B 25 -19.24 -7.82 -13.96
CA THR B 25 -20.47 -7.05 -13.92
C THR B 25 -21.46 -7.61 -12.92
N CYS B 26 -22.09 -6.71 -12.20
CA CYS B 26 -23.04 -7.02 -11.16
C CYS B 26 -24.25 -6.14 -11.44
N ARG B 27 -25.41 -6.77 -11.56
CA ARG B 27 -26.63 -6.05 -11.90
C ARG B 27 -27.59 -6.18 -10.72
N ALA B 28 -27.99 -5.04 -10.19
CA ALA B 28 -28.92 -4.94 -9.08
C ALA B 28 -30.34 -4.92 -9.62
N SER B 29 -31.26 -5.48 -8.82
CA SER B 29 -32.67 -5.69 -9.18
C SER B 29 -33.55 -4.49 -8.84
N GLN B 30 -33.05 -3.53 -8.06
CA GLN B 30 -33.74 -2.29 -7.79
C GLN B 30 -32.82 -1.11 -8.07
N SER B 31 -33.43 -0.01 -8.49
CA SER B 31 -32.66 1.13 -8.96
C SER B 31 -32.43 2.20 -7.89
N TYR B 32 -33.02 2.07 -6.71
CA TYR B 32 -32.70 3.01 -5.64
C TYR B 32 -31.42 2.65 -4.88
N TYR B 33 -30.77 1.55 -5.23
CA TYR B 33 -29.56 1.10 -4.56
C TYR B 33 -28.33 1.45 -5.39
N SER B 34 -27.39 2.14 -4.77
CA SER B 34 -26.15 2.49 -5.47
C SER B 34 -24.92 2.34 -4.57
N TYR B 35 -25.07 1.86 -3.34
CA TYR B 35 -23.92 1.65 -2.48
C TYR B 35 -23.47 0.20 -2.63
N VAL B 36 -22.77 -0.06 -3.73
CA VAL B 36 -22.24 -1.38 -4.06
C VAL B 36 -20.78 -1.44 -3.64
N ALA B 37 -20.43 -2.52 -2.97
CA ALA B 37 -19.06 -2.76 -2.57
C ALA B 37 -18.57 -4.04 -3.26
N TRP B 38 -17.24 -4.12 -3.46
CA TRP B 38 -16.60 -5.23 -4.17
C TRP B 38 -15.51 -5.83 -3.29
N TYR B 39 -15.52 -7.15 -3.15
CA TYR B 39 -14.60 -7.86 -2.26
C TYR B 39 -13.74 -8.84 -3.06
N GLN B 40 -12.49 -9.00 -2.63
CA GLN B 40 -11.59 -10.03 -3.15
C GLN B 40 -11.44 -11.14 -2.11
N GLN B 41 -11.63 -12.41 -2.51
CA GLN B 41 -11.42 -13.53 -1.58
C GLN B 41 -10.39 -14.52 -2.13
N LYS B 42 -9.29 -14.64 -1.44
CA LYS B 42 -8.20 -15.56 -1.73
C LYS B 42 -8.33 -16.84 -0.93
N PRO B 43 -7.78 -17.96 -1.48
CA PRO B 43 -7.93 -19.30 -0.86
C PRO B 43 -7.66 -19.35 0.64
N GLY B 44 -8.67 -19.78 1.41
CA GLY B 44 -8.56 -19.88 2.85
C GLY B 44 -8.54 -18.57 3.60
N LYS B 45 -8.87 -17.46 2.95
CA LYS B 45 -8.82 -16.13 3.55
C LYS B 45 -10.21 -15.52 3.67
N ALA B 46 -10.35 -14.64 4.65
CA ALA B 46 -11.52 -13.76 4.70
C ALA B 46 -11.59 -12.88 3.45
N PRO B 47 -12.78 -12.50 3.03
CA PRO B 47 -12.89 -11.48 1.97
C PRO B 47 -12.19 -10.19 2.37
N LYS B 48 -11.70 -9.48 1.36
CA LYS B 48 -10.94 -8.25 1.53
C LYS B 48 -11.60 -7.18 0.67
N LEU B 49 -11.84 -6.00 1.26
CA LEU B 49 -12.58 -4.94 0.58
C LEU B 49 -11.72 -4.19 -0.44
N LEU B 50 -12.19 -4.15 -1.69
CA LEU B 50 -11.56 -3.42 -2.79
C LEU B 50 -12.20 -2.06 -3.04
N ILE B 51 -13.46 -2.05 -3.49
CA ILE B 51 -14.20 -0.86 -3.86
C ILE B 51 -15.36 -0.68 -2.88
N TYR B 52 -15.60 0.55 -2.43
CA TYR B 52 -16.80 0.88 -1.67
C TYR B 52 -17.50 2.08 -2.30
N SER B 53 -18.78 2.24 -1.97
CA SER B 53 -19.64 3.29 -2.56
C SER B 53 -19.55 3.32 -4.10
N ALA B 54 -19.52 2.13 -4.71
CA ALA B 54 -19.61 1.95 -6.16
C ALA B 54 -18.30 2.23 -6.91
N SER B 55 -17.47 3.19 -6.45
CA SER B 55 -16.37 3.67 -7.28
C SER B 55 -15.21 4.23 -6.47
N SER B 56 -15.32 4.26 -5.14
CA SER B 56 -14.21 4.68 -4.29
C SER B 56 -13.28 3.50 -3.98
N LEU B 57 -11.99 3.75 -4.17
CA LEU B 57 -10.92 2.79 -3.91
C LEU B 57 -10.56 2.79 -2.45
N TYR B 58 -10.51 1.60 -1.85
CA TYR B 58 -10.24 1.52 -0.41
C TYR B 58 -8.74 1.66 -0.16
N SER B 59 -8.41 2.25 0.98
CA SER B 59 -7.03 2.48 1.41
C SER B 59 -6.20 1.21 1.26
N GLY B 60 -5.11 1.30 0.47
CA GLY B 60 -4.16 0.22 0.28
C GLY B 60 -4.37 -0.59 -0.97
N VAL B 61 -5.61 -0.68 -1.46
CA VAL B 61 -5.88 -1.48 -2.65
C VAL B 61 -5.10 -0.93 -3.83
N PRO B 62 -4.45 -1.76 -4.64
CA PRO B 62 -3.69 -1.25 -5.80
C PRO B 62 -4.55 -0.45 -6.76
N SER B 63 -3.94 0.61 -7.33
CA SER B 63 -4.64 1.54 -8.22
C SER B 63 -5.17 0.86 -9.47
N ARG B 64 -4.85 -0.40 -9.73
CA ARG B 64 -5.34 -1.04 -10.94
C ARG B 64 -6.76 -1.59 -10.78
N PHE B 65 -7.36 -1.44 -9.61
CA PHE B 65 -8.74 -1.82 -9.35
C PHE B 65 -9.62 -0.57 -9.38
N SER B 66 -10.72 -0.62 -10.13
CA SER B 66 -11.64 0.49 -10.12
C SER B 66 -13.05 -0.05 -10.30
N GLY B 67 -14.02 0.76 -9.92
CA GLY B 67 -15.41 0.37 -10.02
C GLY B 67 -16.24 1.53 -10.53
N SER B 68 -17.32 1.17 -11.23
CA SER B 68 -18.15 2.17 -11.89
C SER B 68 -19.58 1.66 -11.93
N ARG B 69 -20.52 2.58 -12.14
CA ARG B 69 -21.93 2.26 -12.24
C ARG B 69 -22.47 2.79 -13.55
N SER B 70 -23.45 2.08 -14.10
CA SER B 70 -24.23 2.55 -15.23
C SER B 70 -25.64 1.99 -15.03
N GLY B 71 -26.51 2.79 -14.46
CA GLY B 71 -27.85 2.34 -14.12
C GLY B 71 -27.84 1.36 -12.97
N THR B 72 -28.44 0.20 -13.19
CA THR B 72 -28.45 -0.88 -12.22
C THR B 72 -27.27 -1.85 -12.41
N ASP B 73 -26.37 -1.58 -13.36
CA ASP B 73 -25.23 -2.42 -13.67
C ASP B 73 -23.96 -1.86 -13.02
N PHE B 74 -23.36 -2.61 -12.11
CA PHE B 74 -22.14 -2.20 -11.44
C PHE B 74 -20.97 -3.04 -11.95
N THR B 75 -19.83 -2.40 -12.18
CA THR B 75 -18.69 -3.07 -12.79
C THR B 75 -17.43 -2.87 -11.96
N LEU B 76 -16.71 -3.96 -11.71
CA LEU B 76 -15.35 -3.93 -11.20
C LEU B 76 -14.39 -4.08 -12.38
N THR B 77 -13.26 -3.38 -12.30
CA THR B 77 -12.33 -3.36 -13.40
C THR B 77 -10.93 -3.52 -12.83
N ILE B 78 -10.19 -4.48 -13.38
CA ILE B 78 -8.79 -4.72 -13.08
C ILE B 78 -8.03 -4.36 -14.35
N SER B 79 -7.23 -3.29 -14.27
CA SER B 79 -6.76 -2.65 -15.51
C SER B 79 -5.67 -3.50 -16.18
N SER B 80 -4.69 -3.99 -15.41
CA SER B 80 -3.72 -4.97 -15.90
C SER B 80 -3.64 -6.11 -14.87
N LEU B 81 -4.22 -7.25 -15.23
CA LEU B 81 -4.29 -8.39 -14.34
C LEU B 81 -2.89 -8.82 -13.90
N GLN B 82 -2.73 -9.03 -12.60
CA GLN B 82 -1.48 -9.48 -12.01
C GLN B 82 -1.64 -10.90 -11.48
N PRO B 83 -0.54 -11.65 -11.23
CA PRO B 83 -0.74 -13.07 -10.86
C PRO B 83 -1.42 -13.21 -9.51
N GLU B 84 -1.04 -12.36 -8.55
CA GLU B 84 -1.68 -12.26 -7.25
C GLU B 84 -3.17 -11.91 -7.32
N ASP B 85 -3.72 -11.60 -8.49
CA ASP B 85 -5.14 -11.29 -8.53
C ASP B 85 -6.02 -12.53 -8.58
N PHE B 86 -5.44 -13.71 -8.70
CA PHE B 86 -6.25 -14.93 -8.64
C PHE B 86 -7.09 -14.91 -7.37
N ALA B 87 -8.40 -14.99 -7.53
CA ALA B 87 -9.27 -14.85 -6.38
C ALA B 87 -10.68 -15.10 -6.87
N THR B 88 -11.61 -15.12 -5.93
CA THR B 88 -13.00 -14.92 -6.28
C THR B 88 -13.40 -13.50 -5.88
N TYR B 89 -14.11 -12.83 -6.77
CA TYR B 89 -14.57 -11.49 -6.52
C TYR B 89 -16.08 -11.52 -6.29
N TYR B 90 -16.52 -10.81 -5.26
CA TYR B 90 -17.96 -10.63 -5.03
C TYR B 90 -18.29 -9.15 -5.04
N CYS B 91 -19.47 -8.83 -5.54
CA CYS B 91 -20.14 -7.56 -5.29
C CYS B 91 -21.11 -7.69 -4.13
N GLN B 92 -21.50 -6.56 -3.58
CA GLN B 92 -22.34 -6.57 -2.39
C GLN B 92 -23.27 -5.37 -2.39
N GLN B 93 -24.57 -5.62 -2.17
CA GLN B 93 -25.50 -4.57 -1.80
C GLN B 93 -25.48 -4.48 -0.28
N VAL B 94 -25.20 -3.29 0.22
CA VAL B 94 -24.66 -3.14 1.55
C VAL B 94 -25.74 -3.00 2.64
N PHE B 95 -26.96 -2.58 2.29
CA PHE B 95 -27.98 -2.26 3.28
C PHE B 95 -28.83 -3.46 3.68
N ALA B 96 -29.36 -3.39 4.92
CA ALA B 96 -30.61 -4.02 5.36
C ALA B 96 -30.59 -5.49 4.95
N PRO B 97 -31.45 -6.05 4.03
CA PRO B 97 -31.12 -7.43 3.61
C PRO B 97 -29.88 -7.42 2.71
N ILE B 98 -28.71 -7.59 3.32
CA ILE B 98 -27.44 -7.55 2.58
C ILE B 98 -27.38 -8.72 1.59
N THR B 99 -26.90 -8.44 0.39
CA THR B 99 -26.95 -9.39 -0.71
C THR B 99 -25.60 -9.46 -1.40
N PHE B 100 -25.09 -10.67 -1.61
CA PHE B 100 -23.87 -10.79 -2.37
C PHE B 100 -24.18 -11.23 -3.80
N GLY B 101 -23.25 -10.93 -4.70
CA GLY B 101 -23.25 -11.60 -5.98
C GLY B 101 -22.74 -13.02 -5.87
N GLN B 102 -23.14 -13.85 -6.83
CA GLN B 102 -22.77 -15.27 -6.82
C GLN B 102 -21.26 -15.46 -6.88
N GLY B 103 -20.52 -14.46 -7.34
CA GLY B 103 -19.07 -14.45 -7.32
C GLY B 103 -18.47 -14.82 -8.67
N THR B 104 -17.29 -14.27 -8.94
CA THR B 104 -16.58 -14.49 -10.20
C THR B 104 -15.22 -15.09 -9.90
N LYS B 105 -14.95 -16.26 -10.44
CA LYS B 105 -13.66 -16.90 -10.25
C LYS B 105 -12.71 -16.39 -11.32
N VAL B 106 -11.57 -15.83 -10.91
CA VAL B 106 -10.58 -15.28 -11.83
C VAL B 106 -9.34 -16.16 -11.80
N GLU B 107 -9.15 -16.97 -12.86
CA GLU B 107 -7.92 -17.72 -13.05
C GLU B 107 -6.95 -16.96 -13.97
N ILE B 108 -5.68 -16.98 -13.62
CA ILE B 108 -4.62 -16.37 -14.43
C ILE B 108 -4.24 -17.33 -15.55
N LYS B 109 -4.17 -16.81 -16.78
CA LYS B 109 -3.82 -17.61 -17.96
C LYS B 109 -2.34 -17.47 -18.26
N ARG B 110 -1.61 -18.57 -18.07
CA ARG B 110 -0.17 -18.61 -18.29
C ARG B 110 0.13 -19.62 -19.38
N THR B 111 1.40 -19.69 -19.77
CA THR B 111 1.87 -20.75 -20.66
C THR B 111 1.70 -22.14 -20.03
N VAL B 112 1.54 -23.14 -20.89
CA VAL B 112 1.54 -24.52 -20.46
C VAL B 112 2.83 -24.85 -19.71
N ALA B 113 2.68 -25.53 -18.57
CA ALA B 113 3.78 -26.00 -17.74
C ALA B 113 3.50 -27.46 -17.43
N ALA B 114 4.51 -28.34 -17.60
CA ALA B 114 4.20 -29.72 -17.32
C ALA B 114 4.30 -30.00 -15.81
N PRO B 115 3.62 -31.06 -15.34
CA PRO B 115 3.82 -31.50 -13.95
C PRO B 115 5.11 -32.26 -13.78
N SER B 116 5.88 -31.93 -12.74
CA SER B 116 6.77 -32.91 -12.15
C SER B 116 5.93 -33.97 -11.43
N VAL B 117 6.25 -35.24 -11.65
CA VAL B 117 5.43 -36.32 -11.14
C VAL B 117 6.25 -37.13 -10.15
N PHE B 118 5.75 -37.23 -8.92
CA PHE B 118 6.39 -38.04 -7.89
C PHE B 118 5.41 -39.05 -7.31
N ILE B 119 5.94 -40.03 -6.59
CA ILE B 119 5.15 -41.09 -6.02
C ILE B 119 5.73 -41.44 -4.65
N PHE B 120 4.85 -41.81 -3.71
CA PHE B 120 5.22 -42.17 -2.34
C PHE B 120 4.60 -43.49 -1.99
N PRO B 121 5.38 -44.53 -1.69
CA PRO B 121 4.83 -45.75 -1.11
C PRO B 121 4.12 -45.44 0.19
N PRO B 122 3.27 -46.36 0.66
CA PRO B 122 2.71 -46.21 2.01
C PRO B 122 3.78 -46.31 3.09
N SER B 123 3.54 -45.60 4.19
CA SER B 123 4.44 -45.73 5.34
C SER B 123 4.14 -47.03 6.09
N ASP B 124 5.11 -47.45 6.91
CA ASP B 124 4.96 -48.70 7.66
C ASP B 124 3.86 -48.58 8.69
N SER B 125 3.77 -47.43 9.38
CA SER B 125 2.70 -47.21 10.34
C SER B 125 1.34 -47.55 9.75
N GLN B 126 1.03 -47.00 8.57
CA GLN B 126 -0.30 -47.26 7.99
C GLN B 126 -0.48 -48.75 7.68
N LEU B 127 0.58 -49.42 7.24
CA LEU B 127 0.46 -50.84 6.89
C LEU B 127 0.08 -51.69 8.11
N LYS B 128 0.76 -51.47 9.24
CA LYS B 128 0.38 -52.11 10.50
C LYS B 128 -1.04 -51.77 10.91
N SER B 129 -1.59 -50.66 10.42
CA SER B 129 -2.95 -50.26 10.77
C SER B 129 -4.02 -51.00 9.98
N GLY B 130 -3.65 -51.71 8.92
CA GLY B 130 -4.60 -52.44 8.11
C GLY B 130 -4.83 -51.89 6.71
N THR B 131 -4.24 -50.75 6.35
CA THR B 131 -4.54 -50.15 5.06
C THR B 131 -3.26 -49.57 4.44
N ALA B 132 -3.27 -49.44 3.13
CA ALA B 132 -2.15 -48.88 2.38
C ALA B 132 -2.63 -47.70 1.53
N SER B 133 -2.03 -46.51 1.73
CA SER B 133 -2.27 -45.34 0.88
C SER B 133 -1.03 -45.06 0.04
N VAL B 134 -1.17 -45.14 -1.29
CA VAL B 134 -0.15 -44.71 -2.23
C VAL B 134 -0.53 -43.34 -2.74
N VAL B 135 0.42 -42.40 -2.71
CA VAL B 135 0.17 -41.03 -3.16
C VAL B 135 1.01 -40.75 -4.40
N CYS B 136 0.37 -40.15 -5.40
CA CYS B 136 1.03 -39.64 -6.61
C CYS B 136 0.83 -38.13 -6.68
N LEU B 137 1.90 -37.42 -7.01
CA LEU B 137 1.99 -35.98 -6.79
C LEU B 137 2.41 -35.29 -8.09
N LEU B 138 1.57 -34.40 -8.61
CA LEU B 138 1.84 -33.60 -9.81
C LEU B 138 2.06 -32.16 -9.38
N ASN B 139 3.30 -31.68 -9.49
CA ASN B 139 3.65 -30.34 -8.99
C ASN B 139 3.71 -29.30 -10.10
N ASN B 140 3.20 -28.10 -9.80
CA ASN B 140 3.51 -26.86 -10.49
C ASN B 140 3.29 -26.97 -12.00
N PHE B 141 2.07 -27.33 -12.37
CA PHE B 141 1.68 -27.48 -13.75
C PHE B 141 0.55 -26.50 -14.09
N TYR B 142 0.30 -26.36 -15.42
CA TYR B 142 -0.76 -25.57 -16.02
C TYR B 142 -1.03 -26.00 -17.46
N PRO B 143 -2.31 -26.14 -17.88
CA PRO B 143 -3.56 -25.84 -17.19
C PRO B 143 -3.94 -26.88 -16.14
N ARG B 144 -5.10 -26.64 -15.50
CA ARG B 144 -5.48 -27.39 -14.31
C ARG B 144 -5.95 -28.79 -14.69
N GLU B 145 -6.60 -28.92 -15.84
CA GLU B 145 -7.08 -30.22 -16.28
C GLU B 145 -5.93 -31.20 -16.44
N ALA B 146 -6.08 -32.38 -15.87
CA ALA B 146 -5.08 -33.43 -16.00
C ALA B 146 -5.77 -34.76 -15.78
N LYS B 147 -5.24 -35.79 -16.43
CA LYS B 147 -5.72 -37.13 -16.21
C LYS B 147 -4.63 -37.87 -15.45
N VAL B 148 -5.03 -38.56 -14.38
CA VAL B 148 -4.15 -39.36 -13.54
C VAL B 148 -4.81 -40.71 -13.34
N GLN B 149 -4.10 -41.77 -13.73
CA GLN B 149 -4.62 -43.14 -13.64
C GLN B 149 -3.68 -44.02 -12.86
N TRP B 150 -4.24 -44.89 -12.04
CA TRP B 150 -3.49 -45.88 -11.28
C TRP B 150 -3.47 -47.21 -12.02
N LYS B 151 -2.35 -47.91 -11.96
CA LYS B 151 -2.28 -49.24 -12.56
C LYS B 151 -1.48 -50.13 -11.62
N VAL B 152 -2.18 -51.00 -10.89
CA VAL B 152 -1.53 -51.98 -10.01
C VAL B 152 -1.31 -53.26 -10.79
N ASP B 153 -0.06 -53.66 -10.96
CA ASP B 153 0.29 -54.83 -11.77
C ASP B 153 -0.32 -54.73 -13.15
N ASN B 154 -0.23 -53.52 -13.75
CA ASN B 154 -0.76 -53.22 -15.08
C ASN B 154 -2.24 -53.53 -15.18
N ALA B 155 -2.97 -53.24 -14.10
CA ALA B 155 -4.43 -53.34 -14.06
C ALA B 155 -4.98 -51.99 -13.63
N LEU B 156 -5.62 -51.29 -14.58
CA LEU B 156 -6.16 -49.96 -14.30
C LEU B 156 -7.18 -50.03 -13.16
N GLN B 157 -7.12 -49.05 -12.27
CA GLN B 157 -7.92 -49.05 -11.05
C GLN B 157 -9.01 -47.99 -11.12
N SER B 158 -10.05 -48.19 -10.33
CA SER B 158 -11.23 -47.35 -10.36
C SER B 158 -11.97 -47.50 -9.04
N GLY B 159 -12.49 -46.38 -8.55
CA GLY B 159 -13.30 -46.35 -7.35
C GLY B 159 -12.51 -46.21 -6.06
N ASN B 160 -11.28 -46.72 -6.01
CA ASN B 160 -10.48 -46.75 -4.80
C ASN B 160 -9.42 -45.65 -4.76
N SER B 161 -9.69 -44.49 -5.39
CA SER B 161 -8.78 -43.35 -5.33
C SER B 161 -9.57 -42.05 -5.24
N GLN B 162 -8.88 -40.99 -4.83
CA GLN B 162 -9.41 -39.64 -4.70
C GLN B 162 -8.31 -38.64 -5.04
N GLU B 163 -8.72 -37.48 -5.57
CA GLU B 163 -7.80 -36.46 -6.02
C GLU B 163 -8.05 -35.14 -5.33
N SER B 164 -6.97 -34.43 -5.04
CA SER B 164 -6.99 -33.12 -4.44
C SER B 164 -6.16 -32.19 -5.33
N VAL B 165 -6.66 -30.97 -5.57
CA VAL B 165 -5.99 -30.00 -6.42
C VAL B 165 -5.87 -28.70 -5.65
N THR B 166 -4.65 -28.19 -5.51
CA THR B 166 -4.49 -26.88 -4.88
C THR B 166 -5.27 -25.80 -5.63
N GLU B 167 -5.29 -24.63 -5.02
CA GLU B 167 -5.66 -23.42 -5.72
C GLU B 167 -4.51 -22.98 -6.61
N GLN B 168 -4.83 -22.21 -7.65
CA GLN B 168 -3.80 -21.62 -8.47
C GLN B 168 -2.82 -20.87 -7.58
N ASP B 169 -1.54 -21.11 -7.78
CA ASP B 169 -0.51 -20.38 -7.04
C ASP B 169 -0.60 -18.89 -7.38
N SER B 170 -0.22 -18.05 -6.42
CA SER B 170 -0.34 -16.62 -6.60
C SER B 170 0.94 -15.99 -7.13
N LYS B 171 2.01 -16.78 -7.28
CA LYS B 171 3.30 -16.29 -7.78
C LYS B 171 3.61 -16.83 -9.15
N ASP B 172 3.68 -18.14 -9.34
CA ASP B 172 3.94 -18.71 -10.65
C ASP B 172 2.68 -19.21 -11.33
N SER B 173 1.53 -19.12 -10.66
CA SER B 173 0.22 -19.27 -11.29
C SER B 173 -0.05 -20.69 -11.78
N THR B 174 0.56 -21.68 -11.15
CA THR B 174 0.36 -23.08 -11.51
C THR B 174 -0.54 -23.78 -10.49
N TYR B 175 -0.78 -25.06 -10.73
CA TYR B 175 -1.58 -25.91 -9.87
C TYR B 175 -0.75 -27.10 -9.42
N SER B 176 -1.22 -27.80 -8.37
CA SER B 176 -0.65 -29.11 -8.03
C SER B 176 -1.77 -30.08 -7.74
N LEU B 177 -1.52 -31.35 -8.01
CA LEU B 177 -2.53 -32.40 -7.89
C LEU B 177 -2.00 -33.55 -7.03
N SER B 178 -2.84 -34.04 -6.14
CA SER B 178 -2.51 -35.23 -5.37
C SER B 178 -3.52 -36.32 -5.69
N SER B 179 -3.02 -37.53 -5.90
CA SER B 179 -3.90 -38.69 -6.10
C SER B 179 -3.54 -39.73 -5.04
N THR B 180 -4.52 -40.10 -4.23
CA THR B 180 -4.33 -41.09 -3.18
C THR B 180 -5.03 -42.38 -3.59
N LEU B 181 -4.27 -43.46 -3.77
CA LEU B 181 -4.82 -44.79 -4.04
C LEU B 181 -4.84 -45.56 -2.73
N THR B 182 -6.02 -45.86 -2.22
CA THR B 182 -6.15 -46.52 -0.93
C THR B 182 -6.51 -47.98 -1.11
N LEU B 183 -5.69 -48.87 -0.53
CA LEU B 183 -5.89 -50.32 -0.54
C LEU B 183 -5.82 -50.85 0.87
N SER B 184 -6.33 -52.07 1.07
CA SER B 184 -6.04 -52.82 2.29
C SER B 184 -4.61 -53.35 2.23
N LYS B 185 -4.03 -53.59 3.40
CA LYS B 185 -2.69 -54.14 3.48
C LYS B 185 -2.57 -55.47 2.73
N ALA B 186 -3.58 -56.33 2.86
CA ALA B 186 -3.53 -57.63 2.18
C ALA B 186 -3.45 -57.44 0.67
N ASP B 187 -4.36 -56.62 0.12
CA ASP B 187 -4.36 -56.30 -1.30
C ASP B 187 -3.04 -55.67 -1.71
N TYR B 188 -2.53 -54.74 -0.91
CA TYR B 188 -1.22 -54.14 -1.18
C TYR B 188 -0.12 -55.19 -1.24
N GLU B 189 -0.14 -56.15 -0.32
CA GLU B 189 0.95 -57.09 -0.18
C GLU B 189 0.96 -58.16 -1.26
N LYS B 190 -0.14 -58.32 -2.00
CA LYS B 190 -0.22 -59.33 -3.05
C LYS B 190 0.35 -58.87 -4.39
N HIS B 191 0.53 -57.57 -4.60
CA HIS B 191 0.96 -57.04 -5.89
C HIS B 191 2.31 -56.36 -5.75
N LYS B 192 3.00 -56.19 -6.88
CA LYS B 192 4.39 -55.76 -6.86
C LYS B 192 4.58 -54.34 -7.38
N VAL B 193 4.04 -54.01 -8.55
CA VAL B 193 4.36 -52.77 -9.24
C VAL B 193 3.16 -51.83 -9.17
N TYR B 194 3.38 -50.65 -8.58
CA TYR B 194 2.35 -49.62 -8.47
C TYR B 194 2.76 -48.45 -9.35
N ALA B 195 1.92 -48.15 -10.34
CA ALA B 195 2.22 -47.11 -11.30
C ALA B 195 1.13 -46.04 -11.30
N CYS B 196 1.54 -44.83 -11.64
CA CYS B 196 0.69 -43.66 -11.72
C CYS B 196 0.88 -43.03 -13.09
N GLU B 197 -0.20 -42.89 -13.86
CA GLU B 197 -0.09 -42.55 -15.27
C GLU B 197 -0.68 -41.15 -15.52
N VAL B 198 0.18 -40.21 -15.91
CA VAL B 198 -0.19 -38.80 -15.97
C VAL B 198 -0.19 -38.36 -17.43
N THR B 199 -1.32 -37.84 -17.88
CA THR B 199 -1.45 -37.25 -19.20
C THR B 199 -1.88 -35.81 -19.03
N HIS B 200 -1.16 -34.91 -19.69
CA HIS B 200 -1.31 -33.48 -19.54
C HIS B 200 -0.87 -32.81 -20.84
N GLN B 201 -1.39 -31.60 -21.06
CA GLN B 201 -1.08 -30.83 -22.25
C GLN B 201 0.41 -30.51 -22.37
N GLY B 202 1.14 -30.58 -21.25
CA GLY B 202 2.55 -30.25 -21.22
C GLY B 202 3.45 -31.42 -21.51
N LEU B 203 2.87 -32.60 -21.68
CA LEU B 203 3.61 -33.83 -21.93
C LEU B 203 3.25 -34.28 -23.34
N SER B 204 4.29 -34.55 -24.15
CA SER B 204 4.06 -34.98 -25.52
C SER B 204 3.51 -36.40 -25.55
N SER B 205 4.06 -37.27 -24.70
CA SER B 205 3.51 -38.59 -24.44
C SER B 205 3.21 -38.70 -22.95
N PRO B 206 2.22 -39.50 -22.57
CA PRO B 206 1.92 -39.65 -21.15
C PRO B 206 3.12 -40.16 -20.37
N VAL B 207 3.31 -39.60 -19.18
CA VAL B 207 4.39 -39.96 -18.27
C VAL B 207 3.84 -40.95 -17.26
N THR B 208 4.73 -41.82 -16.77
CA THR B 208 4.39 -42.78 -15.73
C THR B 208 5.51 -42.79 -14.71
N LYS B 209 5.16 -42.63 -13.43
CA LYS B 209 6.08 -42.84 -12.33
C LYS B 209 5.65 -44.10 -11.60
N SER B 210 6.62 -44.93 -11.20
CA SER B 210 6.29 -46.24 -10.68
C SER B 210 7.24 -46.63 -9.56
N PHE B 211 6.80 -47.57 -8.73
CA PHE B 211 7.69 -48.17 -7.77
C PHE B 211 7.21 -49.61 -7.56
N ASN B 212 8.16 -50.45 -7.17
CA ASN B 212 7.92 -51.85 -6.87
C ASN B 212 7.98 -52.03 -5.37
N ARG B 213 6.95 -52.66 -4.80
CA ARG B 213 6.88 -52.85 -3.35
C ARG B 213 8.19 -53.38 -2.79
N GLY B 214 8.96 -54.14 -3.58
CA GLY B 214 10.27 -54.57 -3.17
C GLY B 214 11.34 -53.49 -3.29
N VAL C 9 -6.92 -2.82 14.25
CA VAL C 9 -8.30 -3.28 14.39
C VAL C 9 -8.34 -4.79 14.23
N GLN C 10 -9.01 -5.48 15.16
CA GLN C 10 -9.01 -6.94 15.15
C GLN C 10 -10.38 -7.47 15.56
N LEU C 11 -10.87 -8.46 14.80
CA LEU C 11 -12.11 -9.17 15.10
C LEU C 11 -11.79 -10.66 15.19
N VAL C 12 -12.12 -11.27 16.33
CA VAL C 12 -11.82 -12.68 16.60
C VAL C 12 -13.12 -13.41 16.90
N GLU C 13 -13.41 -14.45 16.11
CA GLU C 13 -14.58 -15.31 16.28
C GLU C 13 -14.22 -16.56 17.08
N SER C 14 -15.15 -17.02 17.88
CA SER C 14 -14.92 -18.27 18.60
C SER C 14 -16.27 -18.92 18.89
N GLY C 15 -16.22 -20.21 19.26
CA GLY C 15 -17.40 -20.99 19.55
C GLY C 15 -17.85 -21.95 18.45
N GLY C 16 -17.18 -21.99 17.32
CA GLY C 16 -17.56 -22.93 16.29
C GLY C 16 -17.26 -24.37 16.68
N GLY C 17 -18.00 -25.30 16.08
CA GLY C 17 -17.67 -26.70 16.24
C GLY C 17 -18.74 -27.61 15.65
N LEU C 18 -18.66 -28.88 16.07
CA LEU C 18 -19.65 -29.87 15.68
C LEU C 18 -20.85 -29.81 16.63
N VAL C 19 -22.03 -30.03 16.06
CA VAL C 19 -23.32 -29.92 16.74
C VAL C 19 -24.34 -30.74 15.95
N GLN C 20 -25.20 -31.47 16.67
CA GLN C 20 -26.17 -32.32 15.98
C GLN C 20 -27.33 -31.49 15.42
N PRO C 21 -28.01 -32.01 14.38
CA PRO C 21 -29.26 -31.41 13.92
C PRO C 21 -30.23 -31.09 15.06
N GLY C 22 -30.80 -29.89 15.00
CA GLY C 22 -31.67 -29.42 16.03
C GLY C 22 -30.97 -28.85 17.24
N GLY C 23 -29.66 -28.95 17.31
CA GLY C 23 -28.92 -28.43 18.44
C GLY C 23 -28.71 -26.94 18.38
N SER C 24 -27.97 -26.46 19.37
CA SER C 24 -27.75 -25.04 19.60
C SER C 24 -26.26 -24.78 19.69
N LEU C 25 -25.84 -23.67 19.06
CA LEU C 25 -24.48 -23.19 19.23
C LEU C 25 -24.52 -21.68 19.39
N ARG C 26 -23.63 -21.16 20.23
CA ARG C 26 -23.43 -19.73 20.40
C ARG C 26 -22.06 -19.37 19.85
N LEU C 27 -22.01 -18.37 18.98
CA LEU C 27 -20.75 -17.85 18.46
C LEU C 27 -20.38 -16.55 19.15
N SER C 28 -19.09 -16.21 19.12
CA SER C 28 -18.58 -15.00 19.76
C SER C 28 -17.73 -14.21 18.79
N CYS C 29 -17.82 -12.88 18.88
CA CYS C 29 -17.02 -11.99 18.04
C CYS C 29 -16.45 -10.91 18.94
N ALA C 30 -15.13 -10.94 19.18
CA ALA C 30 -14.48 -10.04 20.12
C ALA C 30 -13.71 -8.97 19.34
N ALA C 31 -14.13 -7.71 19.51
CA ALA C 31 -13.65 -6.60 18.69
C ALA C 31 -12.63 -5.74 19.44
N SER C 32 -11.65 -5.23 18.68
CA SER C 32 -10.63 -4.37 19.25
C SER C 32 -10.21 -3.34 18.20
N GLY C 33 -9.82 -2.16 18.67
CA GLY C 33 -9.34 -1.12 17.79
C GLY C 33 -10.41 -0.18 17.28
N PHE C 34 -11.67 -0.47 17.57
CA PHE C 34 -12.76 0.44 17.23
C PHE C 34 -13.83 0.31 18.30
N SER C 35 -14.72 1.30 18.33
CA SER C 35 -15.78 1.33 19.32
C SER C 35 -17.03 0.65 18.75
N PHE C 36 -17.73 -0.07 19.62
CA PHE C 36 -19.03 -0.62 19.24
C PHE C 36 -20.04 0.49 19.00
N SER C 37 -19.89 1.61 19.69
CA SER C 37 -20.86 2.67 19.53
C SER C 37 -20.85 3.28 18.14
N SER C 38 -19.70 3.27 17.46
CA SER C 38 -19.55 3.96 16.18
C SER C 38 -19.71 3.04 14.96
N SER C 39 -19.99 1.76 15.15
CA SER C 39 -19.95 0.77 14.09
C SER C 39 -21.17 -0.15 14.17
N SER C 40 -21.33 -0.98 13.14
CA SER C 40 -22.23 -2.13 13.17
C SER C 40 -21.43 -3.42 13.04
N ILE C 41 -21.98 -4.48 13.63
CA ILE C 41 -21.39 -5.82 13.63
C ILE C 41 -22.28 -6.73 12.78
N HIS C 42 -21.64 -7.62 12.02
CA HIS C 42 -22.36 -8.44 11.08
C HIS C 42 -21.85 -9.88 11.16
N TRP C 43 -22.74 -10.83 10.91
CA TRP C 43 -22.31 -12.21 10.69
C TRP C 43 -22.60 -12.59 9.25
N VAL C 44 -21.59 -13.16 8.60
CA VAL C 44 -21.66 -13.62 7.21
C VAL C 44 -21.08 -15.02 7.17
N ARG C 45 -21.70 -15.91 6.39
CA ARG C 45 -21.33 -17.30 6.41
C ARG C 45 -21.02 -17.77 5.00
N GLN C 46 -20.25 -18.87 4.93
CA GLN C 46 -19.86 -19.42 3.64
C GLN C 46 -19.67 -20.93 3.75
N ALA C 47 -20.51 -21.64 3.06
CA ALA C 47 -20.45 -23.09 2.95
C ALA C 47 -19.32 -23.53 2.02
N PRO C 48 -18.71 -24.70 2.30
CA PRO C 48 -17.62 -25.20 1.44
C PRO C 48 -17.96 -25.15 -0.05
N GLY C 49 -17.08 -24.50 -0.80
CA GLY C 49 -17.21 -24.29 -2.22
C GLY C 49 -18.29 -23.32 -2.66
N LYS C 50 -18.93 -22.59 -1.75
CA LYS C 50 -20.08 -21.73 -2.09
C LYS C 50 -19.75 -20.26 -1.80
N GLY C 51 -20.71 -19.41 -2.13
CA GLY C 51 -20.50 -17.97 -2.05
C GLY C 51 -20.87 -17.40 -0.68
N LEU C 52 -20.64 -16.09 -0.56
CA LEU C 52 -20.98 -15.41 0.68
C LEU C 52 -22.49 -15.26 0.84
N GLU C 53 -22.98 -15.47 2.07
CA GLU C 53 -24.37 -15.26 2.45
C GLU C 53 -24.40 -14.47 3.75
N TRP C 54 -25.08 -13.32 3.75
CA TRP C 54 -25.26 -12.56 4.98
C TRP C 54 -26.22 -13.28 5.93
N VAL C 55 -25.95 -13.17 7.23
CA VAL C 55 -26.77 -13.81 8.25
C VAL C 55 -27.51 -12.78 9.09
N ALA C 56 -26.79 -11.80 9.63
CA ALA C 56 -27.42 -10.94 10.63
C ALA C 56 -26.51 -9.77 10.94
N SER C 57 -27.14 -8.70 11.42
CA SER C 57 -26.51 -7.44 11.74
C SER C 57 -27.15 -6.86 13.00
N ILE C 58 -26.34 -6.14 13.76
CA ILE C 58 -26.80 -5.48 14.97
C ILE C 58 -26.15 -4.11 15.02
N SER C 59 -26.92 -3.12 15.44
CA SER C 59 -26.40 -1.81 15.75
C SER C 59 -26.28 -1.69 17.26
N PRO C 60 -25.09 -1.80 17.85
CA PRO C 60 -25.00 -1.71 19.33
C PRO C 60 -25.55 -0.38 19.87
N TYR C 61 -25.21 0.72 19.21
CA TYR C 61 -25.66 2.05 19.62
C TYR C 61 -27.18 2.13 19.74
N TYR C 62 -27.90 1.74 18.69
CA TYR C 62 -29.34 1.90 18.65
C TYR C 62 -30.08 0.62 19.00
N SER C 63 -29.38 -0.50 19.06
CA SER C 63 -29.94 -1.81 19.41
C SER C 63 -30.84 -2.40 18.33
N TYR C 64 -30.78 -1.87 17.10
CA TYR C 64 -31.50 -2.44 15.96
C TYR C 64 -30.80 -3.69 15.46
N THR C 65 -31.59 -4.66 15.00
CA THR C 65 -31.04 -5.90 14.44
C THR C 65 -31.81 -6.29 13.18
N SER C 66 -31.11 -6.97 12.28
CA SER C 66 -31.67 -7.48 11.02
C SER C 66 -31.18 -8.91 10.81
N TYR C 67 -31.98 -9.68 10.09
CA TYR C 67 -31.71 -11.10 9.90
C TYR C 67 -32.08 -11.51 8.49
N ALA C 68 -31.27 -12.41 7.93
CA ALA C 68 -31.63 -13.06 6.67
C ALA C 68 -32.81 -14.00 6.90
N ASP C 69 -33.68 -14.07 5.89
CA ASP C 69 -34.91 -14.83 6.00
C ASP C 69 -34.67 -16.27 6.43
N SER C 70 -33.55 -16.86 6.00
CA SER C 70 -33.31 -18.28 6.21
C SER C 70 -32.90 -18.64 7.64
N VAL C 71 -32.76 -17.67 8.54
CA VAL C 71 -32.42 -17.92 9.94
C VAL C 71 -33.30 -17.16 10.93
N LYS C 72 -34.29 -16.39 10.47
CA LYS C 72 -35.16 -15.64 11.37
C LYS C 72 -35.86 -16.56 12.38
N GLY C 73 -35.82 -16.18 13.66
CA GLY C 73 -36.44 -16.96 14.71
C GLY C 73 -35.61 -18.10 15.25
N ARG C 74 -34.67 -18.61 14.46
CA ARG C 74 -33.67 -19.54 14.94
C ARG C 74 -32.43 -18.83 15.47
N PHE C 75 -31.99 -17.76 14.80
CA PHE C 75 -30.77 -17.06 15.16
C PHE C 75 -31.13 -15.74 15.83
N THR C 76 -30.31 -15.35 16.80
CA THR C 76 -30.48 -14.09 17.50
C THR C 76 -29.09 -13.47 17.67
N ILE C 77 -28.94 -12.26 17.17
CA ILE C 77 -27.70 -11.50 17.31
C ILE C 77 -27.87 -10.51 18.47
N SER C 78 -26.80 -10.28 19.21
CA SER C 78 -26.81 -9.42 20.37
C SER C 78 -25.40 -8.89 20.60
N ALA C 79 -25.28 -7.93 21.51
CA ALA C 79 -23.97 -7.34 21.78
C ALA C 79 -23.91 -6.85 23.23
N ASP C 80 -22.71 -6.87 23.75
CA ASP C 80 -22.41 -6.39 25.09
C ASP C 80 -21.39 -5.28 24.91
N THR C 81 -21.86 -4.04 24.94
CA THR C 81 -20.96 -2.94 24.64
C THR C 81 -19.82 -2.85 25.66
N SER C 82 -20.04 -3.37 26.87
CA SER C 82 -18.97 -3.38 27.88
C SER C 82 -17.80 -4.26 27.47
N LYS C 83 -18.06 -5.34 26.73
CA LYS C 83 -17.02 -6.28 26.32
C LYS C 83 -16.54 -6.04 24.90
N ASN C 84 -17.15 -5.11 24.17
CA ASN C 84 -16.96 -4.93 22.72
C ASN C 84 -17.01 -6.30 22.03
N THR C 85 -18.07 -7.04 22.33
CA THR C 85 -18.21 -8.42 21.90
C THR C 85 -19.63 -8.64 21.40
N ALA C 86 -19.74 -9.16 20.17
CA ALA C 86 -21.04 -9.51 19.61
C ALA C 86 -21.22 -11.01 19.65
N TYR C 87 -22.47 -11.44 19.63
CA TYR C 87 -22.82 -12.84 19.76
C TYR C 87 -23.84 -13.25 18.72
N LEU C 88 -23.72 -14.49 18.23
CA LEU C 88 -24.75 -15.13 17.42
C LEU C 88 -25.24 -16.34 18.19
N GLN C 89 -26.50 -16.31 18.63
CA GLN C 89 -27.13 -17.46 19.27
C GLN C 89 -27.88 -18.22 18.18
N MET C 90 -27.46 -19.43 17.90
CA MET C 90 -28.04 -20.25 16.85
C MET C 90 -28.79 -21.41 17.52
N ASN C 91 -30.06 -21.57 17.15
CA ASN C 91 -30.93 -22.61 17.68
C ASN C 91 -31.56 -23.35 16.51
N SER C 92 -32.05 -24.57 16.78
CA SER C 92 -32.62 -25.42 15.73
C SER C 92 -31.73 -25.48 14.49
N LEU C 93 -30.47 -25.88 14.69
CA LEU C 93 -29.53 -25.95 13.58
C LEU C 93 -29.90 -27.08 12.64
N ARG C 94 -29.65 -26.86 11.36
CA ARG C 94 -29.85 -27.83 10.30
C ARG C 94 -28.53 -27.98 9.55
N ALA C 95 -28.44 -29.05 8.75
CA ALA C 95 -27.21 -29.31 7.99
C ALA C 95 -26.85 -28.15 7.06
N GLU C 96 -27.84 -27.45 6.51
CA GLU C 96 -27.48 -26.42 5.54
C GLU C 96 -26.93 -25.16 6.20
N ASP C 97 -26.95 -25.10 7.53
CA ASP C 97 -26.25 -24.05 8.26
C ASP C 97 -24.76 -24.31 8.36
N THR C 98 -24.28 -25.44 7.88
CA THR C 98 -22.86 -25.75 7.92
C THR C 98 -22.10 -24.77 7.04
N ALA C 99 -21.14 -24.08 7.61
CA ALA C 99 -20.47 -22.99 6.91
C ALA C 99 -19.39 -22.43 7.81
N VAL C 100 -18.49 -21.65 7.22
CA VAL C 100 -17.62 -20.80 8.02
C VAL C 100 -18.39 -19.53 8.33
N TYR C 101 -18.31 -19.09 9.58
CA TYR C 101 -19.02 -17.91 10.04
C TYR C 101 -18.00 -16.83 10.36
N TYR C 102 -18.01 -15.75 9.57
CA TYR C 102 -17.26 -14.54 9.83
C TYR C 102 -18.10 -13.52 10.58
N CYS C 103 -17.44 -12.72 11.41
CA CYS C 103 -18.05 -11.49 11.86
C CYS C 103 -17.31 -10.32 11.22
N ALA C 104 -18.05 -9.27 10.92
CA ALA C 104 -17.45 -8.14 10.24
C ALA C 104 -18.06 -6.86 10.77
N ARG C 105 -17.40 -5.76 10.47
CA ARG C 105 -17.72 -4.45 10.98
C ARG C 105 -17.91 -3.44 9.84
N THR C 106 -18.78 -2.47 10.07
CA THR C 106 -19.01 -1.34 9.17
C THR C 106 -19.12 -0.09 10.01
N VAL C 107 -18.73 1.06 9.45
CA VAL C 107 -18.90 2.32 10.16
C VAL C 107 -20.29 2.88 9.86
N ARG C 108 -21.05 3.19 10.92
CA ARG C 108 -22.44 3.60 10.74
C ARG C 108 -22.59 4.97 10.07
N GLY C 109 -21.74 5.94 10.43
CA GLY C 109 -22.00 7.35 10.14
C GLY C 109 -21.22 7.89 8.98
N SER C 110 -21.93 8.52 8.03
CA SER C 110 -21.31 9.06 6.83
C SER C 110 -20.28 10.14 7.12
N LYS C 111 -20.36 10.77 8.28
CA LYS C 111 -19.42 11.80 8.66
C LYS C 111 -18.25 11.26 9.48
N LYS C 112 -18.29 10.02 9.94
CA LYS C 112 -17.18 9.48 10.71
C LYS C 112 -15.91 9.45 9.85
N PRO C 113 -14.73 9.47 10.49
CA PRO C 113 -13.49 9.61 9.69
C PRO C 113 -13.30 8.48 8.70
N TYR C 114 -13.27 7.25 9.20
CA TYR C 114 -13.01 6.09 8.37
C TYR C 114 -14.29 5.50 7.77
N PHE C 115 -15.28 6.34 7.45
CA PHE C 115 -16.49 5.88 6.80
C PHE C 115 -16.15 5.31 5.42
N SER C 116 -16.81 4.22 5.04
CA SER C 116 -16.52 3.59 3.75
C SER C 116 -17.80 3.11 3.09
N GLY C 117 -18.84 3.93 3.10
CA GLY C 117 -20.04 3.56 2.36
C GLY C 117 -20.79 2.41 2.96
N TRP C 118 -20.60 2.14 4.24
CA TRP C 118 -21.19 1.01 4.95
C TRP C 118 -20.68 -0.32 4.39
N ALA C 119 -19.54 -0.32 3.69
CA ALA C 119 -18.93 -1.58 3.29
C ALA C 119 -18.24 -2.23 4.49
N MET C 120 -18.14 -3.55 4.43
CA MET C 120 -17.47 -4.34 5.48
C MET C 120 -15.95 -4.23 5.29
N ASP C 121 -15.31 -3.33 6.03
CA ASP C 121 -13.88 -3.11 5.84
C ASP C 121 -13.03 -4.14 6.58
N TYR C 122 -13.43 -4.53 7.79
CA TYR C 122 -12.71 -5.51 8.59
C TYR C 122 -13.55 -6.77 8.74
N TRP C 123 -12.91 -7.92 8.62
CA TRP C 123 -13.52 -9.20 8.86
C TRP C 123 -12.63 -10.00 9.80
N GLY C 124 -13.21 -10.98 10.46
CA GLY C 124 -12.43 -11.99 11.15
C GLY C 124 -12.05 -13.13 10.21
N GLN C 125 -11.23 -14.02 10.73
CA GLN C 125 -10.83 -15.16 9.93
C GLN C 125 -11.85 -16.29 9.97
N GLY C 126 -12.84 -16.20 10.84
CA GLY C 126 -14.01 -17.04 10.67
C GLY C 126 -13.96 -18.28 11.53
N THR C 127 -15.14 -18.78 11.89
CA THR C 127 -15.21 -19.97 12.72
C THR C 127 -16.13 -20.99 12.07
N LEU C 128 -15.64 -22.23 11.96
CA LEU C 128 -16.34 -23.28 11.23
C LEU C 128 -17.40 -23.91 12.11
N VAL C 129 -18.55 -24.19 11.49
CA VAL C 129 -19.71 -24.78 12.14
C VAL C 129 -20.14 -25.97 11.31
N THR C 130 -20.23 -27.13 11.95
CA THR C 130 -20.64 -28.37 11.28
C THR C 130 -21.88 -28.89 12.00
N VAL C 131 -22.92 -29.16 11.22
CA VAL C 131 -24.18 -29.66 11.74
C VAL C 131 -24.33 -31.04 11.13
N SER C 132 -24.36 -32.04 12.00
CA SER C 132 -24.17 -33.43 11.60
C SER C 132 -24.45 -34.31 12.81
N SER C 133 -25.13 -35.41 12.57
CA SER C 133 -25.24 -36.46 13.58
C SER C 133 -23.94 -37.24 13.76
N ALA C 134 -22.95 -37.12 12.86
CA ALA C 134 -21.73 -37.89 13.00
C ALA C 134 -20.93 -37.47 14.24
N SER C 135 -20.04 -38.35 14.68
CA SER C 135 -19.22 -38.10 15.86
C SER C 135 -17.82 -37.60 15.49
N THR C 136 -17.26 -36.82 16.40
CA THR C 136 -15.89 -36.36 16.27
C THR C 136 -14.91 -37.54 16.30
N LYS C 137 -13.77 -37.34 15.65
CA LYS C 137 -12.76 -38.38 15.49
C LYS C 137 -11.43 -37.73 15.13
N GLY C 138 -10.38 -38.09 15.86
CA GLY C 138 -9.08 -37.52 15.63
C GLY C 138 -8.46 -38.13 14.39
N PRO C 139 -7.41 -37.52 13.87
CA PRO C 139 -6.83 -38.03 12.63
C PRO C 139 -5.65 -38.94 12.90
N SER C 140 -5.43 -39.83 11.95
CA SER C 140 -4.18 -40.55 11.82
C SER C 140 -3.23 -39.73 10.94
N VAL C 141 -1.96 -39.70 11.33
CA VAL C 141 -0.93 -38.99 10.57
C VAL C 141 0.17 -39.99 10.20
N PHE C 142 0.41 -40.11 8.89
CA PHE C 142 1.41 -40.95 8.28
C PHE C 142 2.35 -40.11 7.42
N PRO C 143 3.62 -40.45 7.38
CA PRO C 143 4.57 -39.64 6.59
C PRO C 143 4.53 -40.01 5.13
N LEU C 144 4.79 -39.02 4.30
CA LEU C 144 5.05 -39.21 2.87
C LEU C 144 6.54 -38.96 2.68
N ALA C 145 7.31 -40.04 2.68
CA ALA C 145 8.77 -40.01 2.77
C ALA C 145 9.40 -39.65 1.42
N PRO C 146 10.42 -38.79 1.42
CA PRO C 146 11.19 -38.58 0.19
C PRO C 146 12.01 -39.81 -0.12
N SER C 147 12.23 -40.02 -1.41
CA SER C 147 13.04 -41.09 -1.97
C SER C 147 13.53 -40.61 -3.32
N SER C 148 14.15 -41.50 -4.10
CA SER C 148 14.49 -41.15 -5.47
C SER C 148 13.23 -40.81 -6.27
N LYS C 149 12.14 -41.51 -6.00
CA LYS C 149 10.83 -41.32 -6.61
C LYS C 149 10.16 -39.99 -6.26
N SER C 150 10.85 -39.10 -5.55
CA SER C 150 10.24 -37.82 -5.19
C SER C 150 11.22 -36.67 -5.39
N THR C 151 12.30 -36.88 -6.13
CA THR C 151 13.36 -35.89 -6.37
C THR C 151 13.48 -35.56 -7.85
N SER C 152 13.81 -34.30 -8.12
CA SER C 152 14.07 -33.79 -9.47
C SER C 152 15.00 -32.58 -9.45
N GLY C 154 17.38 -30.86 -8.12
CA GLY C 154 17.83 -31.39 -6.84
C GLY C 154 16.82 -31.20 -5.70
N THR C 155 15.56 -30.94 -6.04
CA THR C 155 14.51 -30.70 -5.06
C THR C 155 13.80 -32.02 -4.72
N ALA C 156 13.52 -32.22 -3.43
CA ALA C 156 12.79 -33.38 -2.95
C ALA C 156 11.43 -32.96 -2.37
N ALA C 157 10.44 -33.86 -2.47
CA ALA C 157 9.12 -33.65 -1.89
C ALA C 157 8.88 -34.64 -0.76
N LEU C 158 8.39 -34.13 0.38
CA LEU C 158 8.05 -34.93 1.55
C LEU C 158 6.72 -34.41 2.08
N GLY C 159 6.07 -35.18 2.94
CA GLY C 159 4.83 -34.65 3.48
C GLY C 159 4.15 -35.53 4.52
N CYS C 160 2.94 -35.11 4.86
CA CYS C 160 2.09 -35.75 5.86
C CYS C 160 0.73 -36.04 5.27
N LEU C 161 0.33 -37.31 5.32
CA LEU C 161 -1.04 -37.71 5.06
C LEU C 161 -1.79 -37.72 6.39
N VAL C 162 -2.76 -36.82 6.52
CA VAL C 162 -3.60 -36.70 7.70
C VAL C 162 -4.92 -37.35 7.33
N LYS C 163 -5.21 -38.52 7.92
CA LYS C 163 -6.26 -39.37 7.40
C LYS C 163 -7.36 -39.60 8.44
N ASP C 164 -8.59 -39.68 7.95
CA ASP C 164 -9.72 -40.20 8.71
C ASP C 164 -10.08 -39.37 9.94
N TYR C 165 -10.50 -38.12 9.73
CA TYR C 165 -10.87 -37.28 10.85
C TYR C 165 -12.24 -36.67 10.59
N PHE C 166 -12.78 -36.02 11.63
CA PHE C 166 -14.09 -35.37 11.58
C PHE C 166 -14.30 -34.59 12.87
N PRO C 167 -14.86 -33.38 12.80
CA PRO C 167 -15.16 -32.66 11.56
C PRO C 167 -13.92 -31.90 11.09
N GLU C 168 -14.06 -31.08 10.05
CA GLU C 168 -13.03 -30.12 9.76
C GLU C 168 -12.99 -29.10 10.88
N PRO C 169 -11.87 -28.37 11.06
CA PRO C 169 -10.64 -28.39 10.26
C PRO C 169 -9.45 -29.06 10.95
N VAL C 170 -8.33 -29.17 10.24
CA VAL C 170 -7.03 -29.50 10.83
C VAL C 170 -6.05 -28.42 10.38
N THR C 171 -5.01 -28.20 11.18
CA THR C 171 -3.90 -27.35 10.77
C THR C 171 -2.62 -28.20 10.73
N VAL C 172 -1.88 -28.10 9.62
CA VAL C 172 -0.59 -28.74 9.46
C VAL C 172 0.46 -27.64 9.39
N SER C 173 1.52 -27.77 10.16
CA SER C 173 2.58 -26.77 10.21
C SER C 173 3.93 -27.50 10.09
N TRP C 174 4.90 -26.82 9.46
CA TRP C 174 6.19 -27.43 9.15
C TRP C 174 7.33 -26.66 9.83
N ASN C 175 8.16 -27.38 10.59
CA ASN C 175 9.34 -26.81 11.24
C ASN C 175 10.58 -27.69 11.08
N GLY C 182 8.05 -23.69 -0.10
CA GLY C 182 7.75 -24.66 -1.14
C GLY C 182 6.57 -25.54 -0.78
N VAL C 183 5.52 -24.92 -0.28
CA VAL C 183 4.42 -25.62 0.40
C VAL C 183 3.29 -25.85 -0.59
N HIS C 184 2.75 -27.07 -0.58
CA HIS C 184 1.56 -27.41 -1.38
C HIS C 184 0.42 -27.71 -0.41
N THR C 185 -0.53 -26.79 -0.34
CA THR C 185 -1.67 -26.87 0.55
C THR C 185 -2.84 -27.47 -0.21
N PHE C 186 -2.98 -28.77 -0.14
CA PHE C 186 -4.14 -29.37 -0.78
C PHE C 186 -5.36 -29.24 0.12
N PRO C 187 -6.55 -29.11 -0.44
CA PRO C 187 -7.77 -29.10 0.39
C PRO C 187 -8.09 -30.50 0.86
N ALA C 188 -8.66 -30.58 2.06
CA ALA C 188 -9.14 -31.86 2.55
C ALA C 188 -10.19 -32.42 1.61
N VAL C 189 -10.17 -33.72 1.45
CA VAL C 189 -11.16 -34.44 0.66
C VAL C 189 -12.08 -35.19 1.61
N LEU C 190 -13.36 -35.29 1.27
CA LEU C 190 -14.30 -36.10 2.02
C LEU C 190 -14.34 -37.50 1.42
N GLN C 191 -14.05 -38.50 2.24
CA GLN C 191 -13.99 -39.89 1.83
C GLN C 191 -15.35 -40.57 2.03
N SER C 192 -15.56 -41.66 1.28
CA SER C 192 -16.85 -42.35 1.32
C SER C 192 -17.22 -42.78 2.73
N SER C 193 -16.23 -42.94 3.63
CA SER C 193 -16.50 -43.23 5.04
C SER C 193 -17.13 -42.05 5.81
N GLY C 194 -17.34 -40.90 5.15
CA GLY C 194 -17.74 -39.71 5.85
C GLY C 194 -16.66 -39.06 6.67
N LEU C 195 -15.39 -39.47 6.48
CA LEU C 195 -14.25 -38.85 7.13
C LEU C 195 -13.43 -38.07 6.12
N TYR C 196 -12.68 -37.09 6.61
CA TYR C 196 -11.80 -36.30 5.75
C TYR C 196 -10.39 -36.87 5.82
N SER C 197 -9.62 -36.58 4.76
CA SER C 197 -8.18 -36.76 4.77
C SER C 197 -7.56 -35.69 3.90
N LEU C 198 -6.48 -35.09 4.35
CA LEU C 198 -5.73 -34.22 3.48
C LEU C 198 -4.29 -34.69 3.43
N SER C 199 -3.58 -34.16 2.44
CA SER C 199 -2.14 -34.34 2.35
C SER C 199 -1.51 -32.97 2.27
N ARG C 200 -0.44 -32.77 3.00
CA ARG C 200 0.36 -31.57 2.91
C ARG C 200 1.73 -31.95 2.40
N VAL C 201 2.24 -31.20 1.43
CA VAL C 201 3.52 -31.46 0.83
C VAL C 201 4.39 -30.23 1.01
N VAL C 202 5.69 -30.47 1.17
CA VAL C 202 6.71 -29.44 1.15
C VAL C 202 7.82 -29.87 0.20
N THR C 203 8.35 -28.90 -0.53
CA THR C 203 9.51 -29.14 -1.37
C THR C 203 10.77 -28.63 -0.65
N VAL C 204 11.78 -29.49 -0.62
CA VAL C 204 13.01 -29.27 0.15
C VAL C 204 14.20 -29.67 -0.70
N PRO C 205 15.31 -28.94 -0.66
CA PRO C 205 16.53 -29.39 -1.34
C PRO C 205 17.07 -30.70 -0.77
N SER C 206 17.73 -31.48 -1.64
CA SER C 206 18.31 -32.77 -1.25
C SER C 206 19.59 -32.61 -0.44
N SER C 207 20.20 -31.43 -0.44
CA SER C 207 21.32 -31.17 0.45
C SER C 207 20.96 -31.41 1.91
N SER C 208 19.67 -31.30 2.25
CA SER C 208 19.23 -31.08 3.62
C SER C 208 18.90 -32.35 4.37
N LEU C 209 18.66 -33.46 3.69
CA LEU C 209 18.38 -34.70 4.40
C LEU C 209 19.63 -35.16 5.15
N GLY C 210 19.43 -35.76 6.32
CA GLY C 210 20.54 -35.98 7.26
C GLY C 210 20.94 -34.74 8.04
N THR C 211 21.10 -33.60 7.35
CA THR C 211 21.34 -32.33 8.03
C THR C 211 20.20 -31.96 8.96
N GLN C 212 18.96 -32.18 8.51
CA GLN C 212 17.78 -31.83 9.26
C GLN C 212 16.75 -32.94 9.12
N THR C 213 16.11 -33.29 10.22
CA THR C 213 14.89 -34.10 10.20
C THR C 213 13.70 -33.16 10.11
N TYR C 214 12.68 -33.61 9.37
CA TYR C 214 11.50 -32.81 9.06
C TYR C 214 10.29 -33.34 9.82
N ILE C 215 9.54 -32.44 10.46
CA ILE C 215 8.39 -32.78 11.27
C ILE C 215 7.21 -31.92 10.82
N CYS C 216 6.04 -32.53 10.75
CA CYS C 216 4.80 -31.79 10.58
C CYS C 216 4.02 -31.84 11.88
N ASN C 217 3.43 -30.71 12.27
CA ASN C 217 2.56 -30.61 13.43
C ASN C 217 1.12 -30.64 12.95
N VAL C 218 0.39 -31.68 13.32
CA VAL C 218 -1.02 -31.80 12.97
C VAL C 218 -1.84 -31.44 14.20
N ASN C 219 -2.65 -30.38 14.07
CA ASN C 219 -3.50 -29.90 15.15
C ASN C 219 -4.96 -30.05 14.73
N HIS C 220 -5.67 -30.96 15.38
CA HIS C 220 -7.10 -31.14 15.18
C HIS C 220 -7.82 -30.83 16.51
N LYS C 221 -8.20 -29.55 16.68
CA LYS C 221 -8.84 -29.10 17.91
C LYS C 221 -10.11 -29.87 18.28
N PRO C 222 -11.08 -30.16 17.35
CA PRO C 222 -12.32 -30.83 17.76
C PRO C 222 -12.11 -32.10 18.58
N SER C 223 -11.09 -32.91 18.29
CA SER C 223 -10.82 -34.08 19.12
C SER C 223 -9.67 -33.85 20.09
N ASN C 224 -9.23 -32.61 20.23
CA ASN C 224 -8.02 -32.23 20.98
C ASN C 224 -6.82 -33.11 20.65
N THR C 225 -6.61 -33.34 19.36
CA THR C 225 -5.47 -34.09 18.89
C THR C 225 -4.33 -33.14 18.52
N LYS C 226 -3.11 -33.52 18.90
CA LYS C 226 -1.91 -32.77 18.51
C LYS C 226 -0.77 -33.76 18.41
N VAL C 227 -0.26 -33.98 17.20
CA VAL C 227 0.74 -35.01 16.96
C VAL C 227 1.92 -34.41 16.22
N ASP C 228 3.09 -35.06 16.36
CA ASP C 228 4.31 -34.70 15.65
C ASP C 228 4.88 -35.95 15.02
N LYS C 229 4.77 -36.08 13.70
CA LYS C 229 5.43 -37.17 13.00
C LYS C 229 6.60 -36.61 12.20
N LYS C 230 7.71 -37.32 12.24
CA LYS C 230 8.90 -37.00 11.48
C LYS C 230 8.82 -37.68 10.12
N VAL C 231 9.21 -36.96 9.08
CA VAL C 231 9.24 -37.53 7.74
C VAL C 231 10.69 -37.78 7.36
N GLU C 232 11.07 -39.03 7.38
CA GLU C 232 12.42 -39.49 7.19
C GLU C 232 12.56 -40.17 5.84
N PRO C 233 13.72 -40.06 5.20
CA PRO C 233 13.85 -40.58 3.83
C PRO C 233 13.68 -42.08 3.77
N LYS C 234 13.27 -42.57 2.59
CA LYS C 234 13.13 -44.00 2.32
C LYS C 234 12.54 -44.79 3.49
N CYS D 2 -5.75 26.09 -1.78
CA CYS D 2 -7.01 26.80 -1.98
C CYS D 2 -8.10 25.76 -2.03
N SER D 3 -9.25 26.12 -2.63
CA SER D 3 -10.33 25.19 -2.94
C SER D 3 -11.20 24.93 -1.71
N LEU D 4 -11.58 26.02 -1.02
CA LEU D 4 -12.26 25.94 0.28
C LEU D 4 -13.65 26.58 0.19
N PRO D 5 -14.44 26.57 1.28
CA PRO D 5 -15.65 27.39 1.28
C PRO D 5 -15.31 28.86 1.45
N MET D 6 -15.78 29.69 0.52
CA MET D 6 -15.48 31.13 0.43
C MET D 6 -14.05 31.38 -0.06
N ALA D 7 -13.52 30.52 -0.95
CA ALA D 7 -12.14 30.58 -1.40
C ALA D 7 -12.12 30.70 -2.92
N ARG D 8 -11.56 31.79 -3.42
CA ARG D 8 -11.48 32.00 -4.86
C ARG D 8 -10.09 32.46 -5.25
N TYR D 9 -9.68 32.09 -6.48
CA TYR D 9 -8.42 32.53 -7.07
C TYR D 9 -8.58 33.95 -7.63
N TYR D 10 -7.47 34.68 -7.73
CA TYR D 10 -7.48 36.06 -8.20
C TYR D 10 -6.08 36.52 -8.60
N ILE D 11 -6.06 37.44 -9.55
CA ILE D 11 -4.88 38.25 -9.83
C ILE D 11 -5.09 39.61 -9.16
N ILE D 12 -3.99 40.19 -8.67
CA ILE D 12 -4.00 41.51 -8.04
C ILE D 12 -3.31 42.51 -8.97
N LYS D 13 -3.94 43.64 -9.21
CA LYS D 13 -3.38 44.67 -10.07
C LYS D 13 -3.31 46.00 -9.34
N ASP D 14 -2.37 46.84 -9.73
CA ASP D 14 -2.33 48.22 -9.29
C ASP D 14 -3.21 49.07 -10.22
N ALA D 15 -3.18 50.40 -10.03
CA ALA D 15 -3.92 51.32 -10.89
C ALA D 15 -3.47 51.31 -12.35
N HIS D 16 -2.27 50.79 -12.66
CA HIS D 16 -1.63 51.01 -13.96
C HIS D 16 -1.52 49.70 -14.75
N GLN D 17 -2.54 48.85 -14.62
CA GLN D 17 -2.64 47.53 -15.25
C GLN D 17 -1.47 46.59 -14.94
N LYS D 18 -0.61 46.95 -13.98
CA LYS D 18 0.46 46.07 -13.54
C LYS D 18 -0.07 45.02 -12.55
N ALA D 19 0.36 43.77 -12.74
CA ALA D 19 -0.10 42.65 -11.93
C ALA D 19 1.00 42.13 -11.01
N LEU D 20 0.56 41.65 -9.86
CA LEU D 20 1.44 41.16 -8.81
C LEU D 20 2.04 39.81 -9.18
N TYR D 21 3.34 39.64 -8.91
CA TYR D 21 4.06 38.38 -9.18
C TYR D 21 5.22 38.27 -8.18
N THR D 22 5.90 37.11 -8.18
CA THR D 22 6.98 36.89 -7.23
C THR D 22 8.25 36.39 -7.91
N ARG D 23 9.37 36.80 -7.33
CA ARG D 23 10.71 36.38 -7.72
C ARG D 23 11.52 36.07 -6.47
N ASN D 24 11.96 34.81 -6.37
CA ASN D 24 12.59 34.23 -5.19
C ASN D 24 12.08 34.84 -3.88
N GLY D 25 10.76 34.76 -3.68
CA GLY D 25 10.14 35.23 -2.46
C GLY D 25 9.82 36.70 -2.39
N GLN D 26 10.01 37.44 -3.47
CA GLN D 26 9.86 38.89 -3.44
C GLN D 26 8.60 39.26 -4.21
N LEU D 27 7.76 40.07 -3.57
CA LEU D 27 6.58 40.57 -4.24
C LEU D 27 6.94 41.71 -5.19
N LEU D 28 6.66 41.54 -6.47
CA LEU D 28 6.91 42.60 -7.45
C LEU D 28 5.62 43.00 -8.15
N LEU D 29 5.74 43.92 -9.11
CA LEU D 29 4.63 44.41 -9.93
C LEU D 29 5.08 44.51 -11.37
N GLY D 30 4.29 43.97 -12.30
CA GLY D 30 4.67 44.01 -13.70
C GLY D 30 3.59 43.51 -14.63
N ASP D 31 3.97 43.35 -15.90
CA ASP D 31 3.09 42.93 -16.99
C ASP D 31 2.50 41.54 -16.77
N PRO D 32 1.19 41.34 -16.87
CA PRO D 32 0.69 39.97 -16.99
C PRO D 32 1.00 39.39 -18.36
N ASP D 33 1.28 40.26 -19.32
CA ASP D 33 1.55 39.85 -20.69
C ASP D 33 2.98 39.38 -20.91
N SER D 34 3.95 39.93 -20.18
CA SER D 34 5.34 39.52 -20.33
C SER D 34 5.45 38.03 -20.15
N ASP D 35 5.99 37.36 -21.17
CA ASP D 35 6.30 35.94 -21.07
C ASP D 35 7.40 35.66 -20.05
N ASN D 36 8.01 36.70 -19.48
CA ASN D 36 9.02 36.51 -18.46
C ASN D 36 8.41 35.94 -17.18
N TYR D 37 7.39 36.59 -16.65
CA TYR D 37 6.85 36.25 -15.32
C TYR D 37 5.32 36.26 -15.35
N SER D 38 4.74 35.09 -15.19
CA SER D 38 3.29 34.98 -15.08
C SER D 38 2.82 35.60 -13.76
N PRO D 39 1.63 36.14 -13.73
CA PRO D 39 1.16 36.79 -12.49
C PRO D 39 0.91 35.77 -11.39
N GLU D 40 1.10 36.21 -10.14
CA GLU D 40 0.74 35.37 -9.02
C GLU D 40 -0.74 35.07 -9.05
N LYS D 41 -1.06 33.83 -8.81
CA LYS D 41 -2.43 33.39 -8.71
C LYS D 41 -2.73 33.31 -7.21
N VAL D 42 -3.59 34.21 -6.73
CA VAL D 42 -3.78 34.46 -5.29
C VAL D 42 -5.10 33.83 -4.85
N CYS D 43 -5.03 32.88 -3.92
CA CYS D 43 -6.19 32.48 -3.12
C CYS D 43 -6.49 33.57 -2.08
N ILE D 44 -7.73 34.03 -2.03
CA ILE D 44 -8.14 34.98 -1.01
C ILE D 44 -9.18 34.33 -0.12
N LEU D 45 -9.06 34.56 1.18
CA LEU D 45 -9.90 33.93 2.18
C LEU D 45 -10.19 34.93 3.29
N PRO D 46 -11.44 35.03 3.73
CA PRO D 46 -11.75 35.93 4.85
C PRO D 46 -11.07 35.47 6.12
N ASN D 47 -10.85 36.41 7.03
CA ASN D 47 -10.45 36.11 8.39
C ASN D 47 -11.67 36.39 9.26
N ARG D 48 -12.41 35.32 9.56
CA ARG D 48 -13.65 35.41 10.31
C ARG D 48 -13.48 35.98 11.71
N GLY D 49 -12.26 35.95 12.26
CA GLY D 49 -12.09 36.38 13.64
C GLY D 49 -11.92 37.86 13.89
N LEU D 50 -11.77 38.64 12.83
CA LEU D 50 -11.64 40.10 12.92
C LEU D 50 -12.90 40.74 12.34
N ASP D 51 -12.97 42.07 12.47
CA ASP D 51 -14.12 42.90 12.12
C ASP D 51 -14.55 42.70 10.68
N ARG D 52 -15.68 42.01 10.46
CA ARG D 52 -16.13 41.77 9.09
C ARG D 52 -16.28 43.08 8.29
N SER D 53 -16.59 44.19 8.97
CA SER D 53 -16.85 45.44 8.25
C SER D 53 -15.60 46.02 7.64
N LYS D 54 -14.42 45.69 8.15
CA LYS D 54 -13.17 46.14 7.53
C LYS D 54 -12.66 45.16 6.47
N VAL D 55 -13.41 44.10 6.18
CA VAL D 55 -13.06 43.10 5.17
C VAL D 55 -11.66 42.55 5.43
N PRO D 56 -11.44 41.80 6.51
CA PRO D 56 -10.14 41.16 6.72
C PRO D 56 -9.98 39.97 5.80
N ILE D 57 -8.82 39.90 5.13
CA ILE D 57 -8.55 38.83 4.17
C ILE D 57 -7.16 38.27 4.40
N PHE D 58 -6.97 37.03 3.96
CA PHE D 58 -5.65 36.43 3.78
C PHE D 58 -5.30 36.47 2.29
N LEU D 59 -4.01 36.63 2.00
CA LEU D 59 -3.51 36.66 0.64
C LEU D 59 -2.57 35.49 0.44
N GLY D 60 -3.03 34.46 -0.27
CA GLY D 60 -2.25 33.28 -0.56
C GLY D 60 -1.61 33.30 -1.93
N MET D 61 -0.31 33.54 -1.95
CA MET D 61 0.41 33.36 -3.20
C MET D 61 0.58 31.87 -3.49
N GLN D 62 0.85 31.57 -4.76
CA GLN D 62 1.06 30.21 -5.24
C GLN D 62 -0.17 29.35 -4.93
N GLY D 63 -1.33 29.87 -5.29
CA GLY D 63 -2.57 29.15 -5.13
C GLY D 63 -2.98 28.90 -3.69
N GLY D 64 -2.52 29.75 -2.77
CA GLY D 64 -2.77 29.58 -1.37
C GLY D 64 -1.70 28.82 -0.62
N SER D 65 -0.55 28.59 -1.25
CA SER D 65 0.52 27.81 -0.64
C SER D 65 1.46 28.65 0.22
N CYS D 66 1.58 29.95 -0.03
CA CYS D 66 2.36 30.79 0.86
C CYS D 66 1.68 32.15 0.96
N CYS D 67 1.70 32.71 2.16
CA CYS D 67 0.86 33.84 2.48
C CYS D 67 1.71 35.04 2.85
N LEU D 68 1.14 36.22 2.60
CA LEU D 68 1.80 37.48 2.83
C LEU D 68 1.67 37.85 4.29
N ALA D 69 2.77 38.23 4.92
CA ALA D 69 2.76 38.62 6.32
C ALA D 69 3.37 40.01 6.52
N CYS D 70 2.83 40.74 7.49
CA CYS D 70 3.48 41.94 8.03
C CYS D 70 4.01 41.60 9.41
N VAL D 71 5.32 41.58 9.54
CA VAL D 71 6.01 41.33 10.80
C VAL D 71 6.64 42.61 11.31
N LYS D 72 6.55 42.83 12.62
CA LYS D 72 7.17 43.98 13.26
C LYS D 72 8.63 43.66 13.57
N THR D 73 9.52 44.51 13.10
CA THR D 73 10.95 44.41 13.36
C THR D 73 11.41 45.67 14.08
N ARG D 74 12.73 45.74 14.30
CA ARG D 74 13.34 46.96 14.79
C ARG D 74 13.25 48.06 13.76
N GLU D 75 13.50 47.72 12.50
CA GLU D 75 13.61 48.77 11.49
C GLU D 75 12.27 49.17 10.92
N GLY D 76 11.17 48.64 11.45
CA GLY D 76 9.85 48.95 10.95
C GLY D 76 9.10 47.70 10.50
N PRO D 77 7.95 47.91 9.87
CA PRO D 77 7.23 46.77 9.30
C PRO D 77 8.00 46.12 8.16
N LEU D 78 7.86 44.80 8.06
CA LEU D 78 8.50 44.05 6.98
C LEU D 78 7.44 43.19 6.30
N LEU D 79 7.31 43.37 4.98
CA LEU D 79 6.49 42.48 4.16
C LEU D 79 7.24 41.19 3.88
N GLN D 80 6.60 40.05 4.16
CA GLN D 80 7.27 38.75 4.06
C GLN D 80 6.34 37.67 3.54
N LEU D 81 6.85 36.82 2.66
CA LEU D 81 6.15 35.59 2.32
C LEU D 81 6.62 34.46 3.24
N GLU D 82 5.66 33.72 3.79
CA GLU D 82 5.98 32.56 4.60
C GLU D 82 5.22 31.36 4.06
N ASP D 83 5.84 30.18 4.18
CA ASP D 83 5.27 28.94 3.64
C ASP D 83 4.19 28.41 4.61
N VAL D 84 3.23 29.30 4.88
CA VAL D 84 2.00 28.97 5.57
C VAL D 84 0.92 28.84 4.51
N ASN D 85 0.16 27.76 4.59
CA ASN D 85 -0.95 27.52 3.70
C ASN D 85 -2.21 28.24 4.20
N ILE D 86 -3.07 28.63 3.25
CA ILE D 86 -4.21 29.49 3.57
C ILE D 86 -5.30 28.71 4.31
N GLU D 87 -5.35 27.38 4.18
CA GLU D 87 -6.26 26.58 5.00
C GLU D 87 -5.85 26.60 6.47
N ASP D 88 -4.56 26.55 6.75
CA ASP D 88 -4.12 26.64 8.13
C ASP D 88 -4.57 27.95 8.77
N LEU D 89 -4.52 29.06 8.00
CA LEU D 89 -4.90 30.37 8.53
C LEU D 89 -6.40 30.42 8.81
N TYR D 90 -7.19 29.81 7.93
CA TYR D 90 -8.63 29.77 8.10
C TYR D 90 -9.04 29.00 9.34
N LYS D 91 -8.18 28.13 9.90
CA LYS D 91 -8.50 27.53 11.19
C LYS D 91 -8.62 28.59 12.27
N GLY D 92 -7.97 29.74 12.08
CA GLY D 92 -8.08 30.84 13.01
C GLY D 92 -6.94 30.90 14.02
N GLY D 93 -7.14 31.75 15.02
CA GLY D 93 -6.19 31.93 16.11
C GLY D 93 -5.47 33.27 16.07
N GLU D 94 -4.91 33.68 17.21
CA GLU D 94 -4.16 34.94 17.30
C GLU D 94 -3.08 35.05 16.22
N GLN D 95 -2.28 33.99 16.05
CA GLN D 95 -1.17 34.01 15.10
C GLN D 95 -1.59 34.34 13.67
N THR D 96 -2.88 34.34 13.34
CA THR D 96 -3.25 34.64 11.97
C THR D 96 -3.32 36.15 11.66
N THR D 97 -3.24 37.01 12.68
CA THR D 97 -3.42 38.44 12.41
C THR D 97 -2.28 38.98 11.57
N ARG D 98 -1.07 38.45 11.79
CA ARG D 98 0.09 38.82 10.97
C ARG D 98 -0.17 38.64 9.48
N PHE D 99 -0.96 37.63 9.11
CA PHE D 99 -1.22 37.36 7.71
C PHE D 99 -2.49 38.04 7.17
N THR D 100 -3.06 38.97 7.92
CA THR D 100 -4.34 39.56 7.57
C THR D 100 -4.17 40.99 7.05
N PHE D 101 -4.87 41.30 5.94
CA PHE D 101 -4.94 42.65 5.38
C PHE D 101 -6.40 43.09 5.31
N PHE D 102 -6.66 44.32 5.74
CA PHE D 102 -7.99 44.88 5.63
C PHE D 102 -8.21 45.46 4.22
N GLN D 103 -9.17 44.91 3.49
CA GLN D 103 -9.57 45.42 2.18
C GLN D 103 -10.51 46.60 2.35
N ARG D 104 -9.91 47.77 2.61
CA ARG D 104 -10.65 49.02 2.77
C ARG D 104 -11.00 49.59 1.40
N SER D 105 -12.27 49.86 1.17
CA SER D 105 -12.69 50.30 -0.16
C SER D 105 -12.54 51.80 -0.31
N LEU D 106 -12.05 52.23 -1.46
CA LEU D 106 -11.77 53.64 -1.76
C LEU D 106 -12.35 53.94 -3.14
N GLY D 107 -13.68 53.99 -3.21
CA GLY D 107 -14.35 54.05 -4.50
C GLY D 107 -14.40 52.67 -5.12
N SER D 108 -14.18 52.62 -6.44
CA SER D 108 -14.17 51.34 -7.15
C SER D 108 -12.95 50.48 -6.81
N ALA D 109 -11.94 51.05 -6.16
CA ALA D 109 -10.70 50.36 -5.86
C ALA D 109 -10.70 49.91 -4.40
N PHE D 110 -9.56 49.36 -3.97
CA PHE D 110 -9.33 49.01 -2.58
C PHE D 110 -7.88 49.28 -2.23
N ARG D 111 -7.66 49.59 -0.97
CA ARG D 111 -6.33 49.56 -0.39
C ARG D 111 -6.22 48.29 0.43
N LEU D 112 -4.99 47.88 0.71
CA LEU D 112 -4.73 46.69 1.55
C LEU D 112 -3.94 47.15 2.76
N GLU D 113 -4.63 47.31 3.90
CA GLU D 113 -4.00 47.72 5.15
C GLU D 113 -3.65 46.49 5.97
N ALA D 114 -2.45 46.47 6.53
CA ALA D 114 -1.97 45.34 7.31
C ALA D 114 -2.55 45.39 8.73
N ALA D 115 -3.30 44.35 9.10
CA ALA D 115 -3.83 44.25 10.45
C ALA D 115 -2.74 44.18 11.52
N ALA D 116 -1.59 43.58 11.20
CA ALA D 116 -0.52 43.53 12.18
C ALA D 116 0.17 44.87 12.36
N CYS D 117 0.22 45.68 11.32
CA CYS D 117 0.99 46.92 11.32
C CYS D 117 0.06 48.06 10.91
N PRO D 118 -0.85 48.48 11.81
CA PRO D 118 -1.93 49.40 11.41
C PRO D 118 -1.40 50.71 10.86
N GLY D 119 -2.20 51.32 9.98
CA GLY D 119 -1.79 52.50 9.25
C GLY D 119 -0.80 52.26 8.12
N TRP D 120 -0.29 51.04 7.97
CA TRP D 120 0.60 50.71 6.86
C TRP D 120 -0.20 50.04 5.76
N PHE D 121 0.05 50.46 4.53
CA PHE D 121 -0.68 49.99 3.38
C PHE D 121 0.27 49.46 2.32
N LEU D 122 -0.21 48.48 1.57
CA LEU D 122 0.52 47.99 0.43
C LEU D 122 0.81 49.12 -0.57
N CYS D 123 2.02 49.13 -1.09
CA CYS D 123 2.52 50.27 -1.84
C CYS D 123 3.24 49.82 -3.09
N GLY D 124 2.83 50.35 -4.22
CA GLY D 124 3.56 50.14 -5.46
C GLY D 124 4.97 50.70 -5.36
N PRO D 125 5.91 50.05 -6.02
CA PRO D 125 7.29 50.52 -5.96
C PRO D 125 7.47 51.87 -6.64
N ALA D 126 8.40 52.65 -6.09
CA ALA D 126 8.84 53.90 -6.70
C ALA D 126 9.29 53.71 -8.15
N GLU D 127 10.23 52.78 -8.36
CA GLU D 127 10.76 52.38 -9.66
C GLU D 127 10.30 50.96 -9.98
N PRO D 128 10.27 50.54 -11.23
CA PRO D 128 9.89 49.14 -11.50
C PRO D 128 11.00 48.21 -11.05
N GLN D 129 10.63 46.92 -10.99
CA GLN D 129 11.49 45.87 -10.47
C GLN D 129 11.68 46.01 -8.96
N GLN D 130 11.50 47.25 -8.44
CA GLN D 130 11.48 47.48 -7.01
C GLN D 130 10.36 46.64 -6.41
N PRO D 131 10.55 46.06 -5.23
CA PRO D 131 9.50 45.19 -4.69
C PRO D 131 8.35 46.00 -4.13
N VAL D 132 7.19 45.34 -4.05
CA VAL D 132 6.02 45.88 -3.38
C VAL D 132 6.47 46.25 -1.96
N GLN D 133 5.71 47.08 -1.28
CA GLN D 133 6.29 47.96 -0.29
C GLN D 133 5.17 48.40 0.63
N LEU D 134 5.52 48.72 1.88
CA LEU D 134 4.57 49.24 2.85
C LEU D 134 4.78 50.74 3.04
N THR D 135 3.67 51.46 3.19
CA THR D 135 3.65 52.91 3.26
C THR D 135 2.59 53.36 4.26
N LYS D 136 2.84 54.48 4.93
CA LYS D 136 1.94 54.99 5.97
C LYS D 136 1.06 56.15 5.51
N GLU D 137 1.27 56.69 4.30
CA GLU D 137 0.41 57.73 3.71
C GLU D 137 -1.09 57.70 4.04
N PRO D 140 -4.94 59.02 0.97
CA PRO D 140 -4.92 58.00 -0.09
C PRO D 140 -4.25 58.47 -1.39
N SER D 141 -3.58 57.54 -2.07
CA SER D 141 -2.87 57.81 -3.31
C SER D 141 -3.22 56.72 -4.31
N THR D 142 -2.71 56.85 -5.53
CA THR D 142 -2.85 55.80 -6.53
C THR D 142 -1.79 54.70 -6.38
N HIS D 143 -0.77 54.91 -5.54
CA HIS D 143 0.24 53.88 -5.34
C HIS D 143 -0.22 52.84 -4.32
N THR D 144 -1.27 53.16 -3.56
CA THR D 144 -1.82 52.28 -2.55
C THR D 144 -3.15 51.70 -2.95
N GLU D 145 -3.47 51.73 -4.24
CA GLU D 145 -4.75 51.30 -4.77
C GLU D 145 -4.58 49.95 -5.46
N PHE D 146 -5.55 49.06 -5.28
CA PHE D 146 -5.42 47.73 -5.85
C PHE D 146 -6.77 47.24 -6.33
N TYR D 147 -6.73 46.37 -7.34
CA TYR D 147 -7.89 45.79 -7.98
C TYR D 147 -7.72 44.28 -8.00
N PHE D 148 -8.83 43.55 -7.97
CA PHE D 148 -8.80 42.10 -7.89
C PHE D 148 -9.57 41.57 -9.09
N GLU D 149 -8.89 40.80 -9.91
CA GLU D 149 -9.50 40.18 -11.07
C GLU D 149 -9.27 38.67 -10.97
N MET D 150 -10.23 37.89 -11.46
CA MET D 150 -10.01 36.46 -11.71
C MET D 150 -9.51 36.34 -13.14
N SER D 151 -8.19 36.28 -13.30
CA SER D 151 -7.56 36.10 -14.61
C SER D 151 -6.38 35.13 -14.54
N ILE E 5 -1.55 17.01 -7.68
CA ILE E 5 -0.61 17.54 -8.65
C ILE E 5 0.44 16.47 -8.96
N GLN E 6 1.00 16.47 -10.18
CA GLN E 6 2.15 15.62 -10.51
C GLN E 6 3.27 16.50 -11.05
N MET E 7 4.50 15.99 -10.99
CA MET E 7 5.66 16.61 -11.65
C MET E 7 6.21 15.56 -12.62
N THR E 8 6.11 15.83 -13.92
CA THR E 8 6.53 14.88 -14.94
C THR E 8 7.93 15.23 -15.43
N GLN E 9 8.87 14.31 -15.23
CA GLN E 9 10.28 14.55 -15.46
C GLN E 9 10.79 13.68 -16.61
N SER E 10 11.65 14.26 -17.45
CA SER E 10 12.16 13.58 -18.65
C SER E 10 13.59 14.03 -18.98
N PRO E 11 14.45 13.10 -19.43
CA PRO E 11 14.07 11.71 -19.61
C PRO E 11 14.25 10.89 -18.31
N SER E 12 13.72 9.66 -18.28
CA SER E 12 14.03 8.78 -17.15
C SER E 12 15.53 8.60 -16.98
N SER E 13 16.28 8.59 -18.08
CA SER E 13 17.71 8.30 -18.02
C SER E 13 18.35 8.78 -19.31
N LEU E 14 19.61 9.21 -19.21
CA LEU E 14 20.40 9.60 -20.36
C LEU E 14 21.89 9.36 -20.10
N SER E 15 22.62 9.05 -21.16
CA SER E 15 24.07 9.01 -21.08
C SER E 15 24.64 10.07 -21.99
N ALA E 16 25.78 10.62 -21.57
CA ALA E 16 26.35 11.80 -22.20
C ALA E 16 27.79 11.96 -21.73
N SER E 17 28.65 12.37 -22.66
CA SER E 17 30.10 12.41 -22.53
C SER E 17 30.56 13.66 -21.80
N VAL E 18 31.80 13.61 -21.30
CA VAL E 18 32.33 14.72 -20.53
C VAL E 18 32.42 15.95 -21.41
N GLY E 19 31.96 17.09 -20.86
CA GLY E 19 31.91 18.34 -21.58
C GLY E 19 30.65 18.58 -22.36
N ASP E 20 29.86 17.53 -22.59
CA ASP E 20 28.61 17.69 -23.32
C ASP E 20 27.56 18.44 -22.51
N ARG E 21 26.44 18.73 -23.18
CA ARG E 21 25.39 19.56 -22.61
C ARG E 21 24.16 18.72 -22.29
N VAL E 22 23.71 18.81 -21.04
CA VAL E 22 22.58 18.07 -20.53
C VAL E 22 21.46 19.04 -20.15
N THR E 23 20.23 18.73 -20.59
CA THR E 23 19.02 19.40 -20.14
C THR E 23 18.02 18.36 -19.62
N ILE E 24 17.44 18.61 -18.45
CA ILE E 24 16.37 17.77 -17.89
C ILE E 24 15.13 18.63 -17.70
N THR E 25 13.99 18.15 -18.20
CA THR E 25 12.75 18.90 -18.19
C THR E 25 11.71 18.26 -17.28
N CYS E 26 11.05 19.12 -16.50
CA CYS E 26 10.04 18.74 -15.52
C CYS E 26 8.82 19.62 -15.80
N ARG E 27 7.67 19.00 -16.06
CA ARG E 27 6.44 19.72 -16.39
C ARG E 27 5.45 19.62 -15.22
N ALA E 28 5.00 20.79 -14.75
CA ALA E 28 4.07 20.89 -13.64
C ALA E 28 2.64 20.79 -14.12
N SER E 29 1.80 20.11 -13.34
CA SER E 29 0.40 19.94 -13.71
C SER E 29 -0.45 21.17 -13.37
N GLN E 30 0.06 22.10 -12.56
CA GLN E 30 -0.66 23.31 -12.21
C GLN E 30 0.13 24.53 -12.67
N SER E 31 -0.60 25.55 -13.12
CA SER E 31 0.03 26.73 -13.67
C SER E 31 0.33 27.79 -12.63
N TYR E 32 -0.06 27.57 -11.37
CA TYR E 32 0.22 28.54 -10.32
C TYR E 32 1.45 28.20 -9.51
N TYR E 33 2.15 27.14 -9.86
CA TYR E 33 3.31 26.70 -9.10
C TYR E 33 4.58 27.06 -9.85
N SER E 34 5.49 27.72 -9.15
CA SER E 34 6.73 28.10 -9.82
C SER E 34 7.95 28.05 -8.90
N TYR E 35 7.84 27.57 -7.66
CA TYR E 35 9.00 27.41 -6.79
C TYR E 35 9.47 25.96 -6.93
N VAL E 36 10.19 25.71 -8.02
CA VAL E 36 10.65 24.39 -8.38
C VAL E 36 12.14 24.31 -8.07
N ALA E 37 12.52 23.30 -7.27
CA ALA E 37 13.91 23.09 -6.89
C ALA E 37 14.45 21.83 -7.55
N TRP E 38 15.77 21.73 -7.59
CA TRP E 38 16.44 20.64 -8.29
C TRP E 38 17.49 20.03 -7.39
N TYR E 39 17.57 18.71 -7.42
CA TYR E 39 18.39 17.99 -6.47
C TYR E 39 19.26 16.95 -7.18
N GLN E 40 20.50 16.87 -6.74
CA GLN E 40 21.44 15.85 -7.17
C GLN E 40 21.54 14.85 -6.02
N GLN E 41 21.35 13.57 -6.31
CA GLN E 41 21.55 12.49 -5.35
C GLN E 41 22.50 11.46 -5.96
N LYS E 42 23.62 11.32 -5.37
CA LYS E 42 24.68 10.39 -5.70
C LYS E 42 24.60 9.14 -4.83
N PRO E 43 24.88 7.97 -5.44
CA PRO E 43 24.69 6.67 -4.77
C PRO E 43 25.01 6.62 -3.27
N GLY E 44 24.01 6.18 -2.50
CA GLY E 44 24.17 6.06 -1.07
C GLY E 44 24.26 7.37 -0.34
N LYS E 45 23.77 8.46 -0.93
CA LYS E 45 23.92 9.77 -0.33
C LYS E 45 22.58 10.48 -0.21
N ALA E 46 22.53 11.40 0.74
CA ALA E 46 21.40 12.31 0.86
C ALA E 46 21.31 13.19 -0.39
N PRO E 47 20.10 13.54 -0.81
CA PRO E 47 19.97 14.54 -1.87
C PRO E 47 20.66 15.86 -1.51
N LYS E 48 21.07 16.57 -2.57
CA LYS E 48 21.81 17.82 -2.51
C LYS E 48 21.12 18.87 -3.39
N LEU E 49 20.90 20.05 -2.81
CA LEU E 49 20.18 21.12 -3.49
C LEU E 49 21.08 21.81 -4.52
N LEU E 50 20.62 21.87 -5.77
CA LEU E 50 21.35 22.58 -6.82
C LEU E 50 20.69 23.91 -7.16
N ILE E 51 19.44 23.84 -7.61
CA ILE E 51 18.65 25.01 -8.00
C ILE E 51 17.47 25.14 -7.05
N TYR E 52 17.08 26.37 -6.78
CA TYR E 52 15.86 26.69 -6.08
C TYR E 52 15.20 27.92 -6.72
N SER E 53 13.90 28.08 -6.46
CA SER E 53 13.12 29.16 -7.06
C SER E 53 13.24 29.16 -8.58
N ALA E 54 13.23 27.96 -9.15
CA ALA E 54 13.19 27.69 -10.59
C ALA E 54 14.53 27.93 -11.27
N SER E 55 15.23 29.01 -10.90
CA SER E 55 16.40 29.43 -11.64
C SER E 55 17.51 29.99 -10.76
N SER E 56 17.37 29.95 -9.44
CA SER E 56 18.42 30.43 -8.55
C SER E 56 19.43 29.32 -8.27
N LEU E 57 20.71 29.69 -8.27
CA LEU E 57 21.80 28.75 -8.02
C LEU E 57 22.15 28.72 -6.55
N TYR E 58 22.17 27.52 -5.96
CA TYR E 58 22.47 27.42 -4.55
C TYR E 58 23.96 27.64 -4.30
N SER E 59 24.25 28.21 -3.14
CA SER E 59 25.62 28.53 -2.78
C SER E 59 26.50 27.29 -2.81
N GLY E 60 27.61 27.38 -3.54
CA GLY E 60 28.56 26.30 -3.68
C GLY E 60 28.44 25.52 -4.98
N VAL E 61 27.23 25.42 -5.51
CA VAL E 61 27.00 24.54 -6.66
C VAL E 61 27.80 25.04 -7.86
N PRO E 62 28.42 24.15 -8.65
CA PRO E 62 29.20 24.63 -9.79
C PRO E 62 28.37 25.48 -10.75
N SER E 63 29.00 26.56 -11.24
CA SER E 63 28.39 27.42 -12.23
C SER E 63 27.91 26.67 -13.47
N ARG E 64 28.30 25.41 -13.67
CA ARG E 64 27.86 24.70 -14.88
C ARG E 64 26.43 24.18 -14.77
N PHE E 65 25.80 24.37 -13.62
CA PHE E 65 24.43 23.91 -13.35
C PHE E 65 23.48 25.08 -13.47
N SER E 66 22.37 24.87 -14.18
CA SER E 66 21.45 25.99 -14.38
C SER E 66 20.01 25.49 -14.46
N GLY E 67 19.12 26.39 -14.11
CA GLY E 67 17.71 26.07 -14.12
C GLY E 67 16.88 27.18 -14.73
N SER E 68 15.85 26.80 -15.47
CA SER E 68 15.02 27.80 -16.12
C SER E 68 13.57 27.32 -16.17
N ARG E 69 12.69 28.23 -16.57
CA ARG E 69 11.25 28.03 -16.56
C ARG E 69 10.67 28.57 -17.86
N SER E 70 9.71 27.83 -18.42
CA SER E 70 8.99 28.24 -19.63
C SER E 70 7.54 27.81 -19.44
N GLY E 71 6.73 28.69 -18.87
CA GLY E 71 5.38 28.34 -18.46
C GLY E 71 5.38 27.34 -17.33
N THR E 72 4.80 26.16 -17.58
CA THR E 72 4.80 25.07 -16.61
C THR E 72 5.90 24.05 -16.89
N ASP E 73 6.81 24.33 -17.83
CA ASP E 73 7.96 23.46 -18.08
C ASP E 73 9.19 24.07 -17.43
N PHE E 74 9.80 23.30 -16.54
CA PHE E 74 10.99 23.71 -15.80
C PHE E 74 12.14 22.85 -16.27
N THR E 75 13.33 23.44 -16.32
CA THR E 75 14.43 22.77 -16.99
C THR E 75 15.69 23.03 -16.19
N LEU E 76 16.38 21.92 -15.90
CA LEU E 76 17.73 21.91 -15.38
C LEU E 76 18.70 21.64 -16.53
N THR E 77 19.76 22.45 -16.61
CA THR E 77 20.76 22.33 -17.66
C THR E 77 22.14 22.19 -17.03
N ILE E 78 22.87 21.15 -17.47
CA ILE E 78 24.27 20.94 -17.13
C ILE E 78 25.09 21.39 -18.33
N SER E 79 25.89 22.46 -18.13
CA SER E 79 26.60 23.10 -19.23
C SER E 79 27.63 22.16 -19.86
N SER E 80 28.66 21.79 -19.10
CA SER E 80 29.68 20.81 -19.51
C SER E 80 29.57 19.65 -18.54
N LEU E 81 28.94 18.56 -18.98
CA LEU E 81 28.78 17.39 -18.13
C LEU E 81 30.13 16.83 -17.70
N GLN E 82 30.28 16.58 -16.42
CA GLN E 82 31.53 16.09 -15.88
C GLN E 82 31.35 14.69 -15.31
N PRO E 83 32.45 13.94 -15.07
CA PRO E 83 32.28 12.56 -14.57
C PRO E 83 31.69 12.51 -13.17
N GLU E 84 32.01 13.50 -12.33
CA GLU E 84 31.42 13.59 -11.00
C GLU E 84 29.93 13.88 -11.02
N ASP E 85 29.37 14.26 -12.17
CA ASP E 85 27.94 14.58 -12.24
C ASP E 85 27.08 13.33 -12.39
N PHE E 86 27.64 12.13 -12.33
CA PHE E 86 26.81 10.95 -12.30
C PHE E 86 25.94 11.03 -11.06
N ALA E 87 24.64 10.80 -11.23
CA ALA E 87 23.67 11.04 -10.14
C ALA E 87 22.28 10.81 -10.71
N THR E 88 21.31 10.70 -9.80
CA THR E 88 19.92 10.86 -10.18
C THR E 88 19.45 12.26 -9.78
N TYR E 89 18.96 13.01 -10.75
CA TYR E 89 18.49 14.37 -10.53
C TYR E 89 16.98 14.35 -10.37
N TYR E 90 16.47 15.12 -9.40
CA TYR E 90 15.04 15.26 -9.16
C TYR E 90 14.65 16.73 -9.19
N CYS E 91 13.50 16.99 -9.81
CA CYS E 91 12.80 18.25 -9.57
C CYS E 91 11.81 18.10 -8.41
N GLN E 92 11.42 19.24 -7.87
CA GLN E 92 10.57 19.28 -6.68
C GLN E 92 9.68 20.52 -6.71
N GLN E 93 8.38 20.28 -6.54
CA GLN E 93 7.43 21.34 -6.20
C GLN E 93 7.39 21.49 -4.68
N VAL E 94 7.75 22.68 -4.21
CA VAL E 94 8.24 22.87 -2.87
C VAL E 94 7.14 22.93 -1.77
N PHE E 95 5.87 23.12 -2.14
CA PHE E 95 4.82 23.45 -1.18
C PHE E 95 3.94 22.24 -0.83
N ALA E 96 3.29 22.33 0.35
CA ALA E 96 2.47 21.39 1.12
C ALA E 96 2.21 20.06 0.44
N PRO E 97 1.45 19.94 -0.69
CA PRO E 97 1.56 18.58 -1.27
C PRO E 97 2.88 18.50 -2.04
N ILE E 98 3.97 18.28 -1.31
CA ILE E 98 5.30 18.29 -1.93
C ILE E 98 5.43 17.13 -2.88
N THR E 99 5.89 17.42 -4.08
CA THR E 99 5.91 16.45 -5.15
C THR E 99 7.28 16.46 -5.78
N PHE E 100 7.79 15.26 -6.05
CA PHE E 100 9.05 15.10 -6.75
C PHE E 100 8.80 14.57 -8.16
N GLY E 101 9.72 14.89 -9.05
CA GLY E 101 9.78 14.19 -10.32
C GLY E 101 10.24 12.75 -10.15
N GLN E 102 10.05 11.95 -11.20
CA GLN E 102 10.43 10.54 -11.12
C GLN E 102 11.94 10.39 -11.01
N GLY E 103 12.69 11.40 -11.40
CA GLY E 103 14.14 11.31 -11.38
C GLY E 103 14.72 10.98 -12.75
N THR E 104 15.94 11.46 -12.99
CA THR E 104 16.63 11.24 -14.25
C THR E 104 18.00 10.70 -13.93
N LYS E 105 18.31 9.51 -14.43
CA LYS E 105 19.61 8.89 -14.22
C LYS E 105 20.56 9.37 -15.32
N VAL E 106 21.72 9.88 -14.91
CA VAL E 106 22.71 10.48 -15.79
C VAL E 106 23.98 9.62 -15.74
N GLU E 107 24.17 8.77 -16.76
CA GLU E 107 25.40 8.02 -16.91
C GLU E 107 26.43 8.79 -17.72
N ILE E 108 27.65 8.86 -17.21
CA ILE E 108 28.74 9.47 -17.97
C ILE E 108 29.16 8.53 -19.09
N LYS E 109 29.29 9.08 -20.30
CA LYS E 109 29.65 8.30 -21.47
C LYS E 109 31.17 8.36 -21.66
N ARG E 110 31.78 7.19 -21.71
CA ARG E 110 33.23 7.02 -21.66
C ARG E 110 33.69 6.25 -22.87
N THR E 111 35.01 6.18 -23.04
CA THR E 111 35.64 5.20 -23.92
C THR E 111 35.52 3.79 -23.34
N VAL E 112 35.23 2.83 -24.20
CA VAL E 112 35.21 1.43 -23.79
C VAL E 112 36.51 1.05 -23.11
N ALA E 113 36.39 0.30 -22.00
CA ALA E 113 37.50 -0.10 -21.15
C ALA E 113 37.26 -1.54 -20.71
N ALA E 114 38.27 -2.41 -20.87
CA ALA E 114 38.02 -3.80 -20.58
C ALA E 114 38.12 -4.11 -19.08
N PRO E 115 37.36 -5.08 -18.61
CA PRO E 115 37.52 -5.53 -17.21
C PRO E 115 38.81 -6.29 -16.97
N SER E 116 39.49 -5.95 -15.88
CA SER E 116 40.31 -6.94 -15.22
C SER E 116 39.42 -8.03 -14.66
N VAL E 117 39.82 -9.27 -14.81
CA VAL E 117 39.05 -10.41 -14.31
C VAL E 117 39.88 -11.11 -13.25
N PHE E 118 39.26 -11.35 -12.08
CA PHE E 118 39.88 -12.11 -11.01
C PHE E 118 38.89 -13.16 -10.53
N ILE E 119 39.41 -14.14 -9.79
CA ILE E 119 38.62 -15.28 -9.35
C ILE E 119 39.07 -15.64 -7.94
N PHE E 120 38.11 -16.07 -7.13
CA PHE E 120 38.34 -16.33 -5.70
C PHE E 120 37.77 -17.69 -5.39
N PRO E 121 38.58 -18.65 -4.92
CA PRO E 121 38.05 -19.96 -4.54
C PRO E 121 37.32 -19.87 -3.22
N PRO E 122 36.40 -20.80 -2.94
CA PRO E 122 35.74 -20.81 -1.63
C PRO E 122 36.71 -20.78 -0.48
N SER E 123 36.33 -20.05 0.58
CA SER E 123 37.11 -20.02 1.80
C SER E 123 37.04 -21.37 2.52
N ASP E 124 37.99 -21.56 3.44
CA ASP E 124 37.95 -22.75 4.28
C ASP E 124 36.70 -22.76 5.16
N SER E 125 36.41 -21.62 5.81
CA SER E 125 35.27 -21.56 6.72
C SER E 125 33.97 -21.96 6.01
N GLN E 126 33.74 -21.42 4.81
CA GLN E 126 32.46 -21.71 4.16
C GLN E 126 32.35 -23.17 3.77
N LEU E 127 33.46 -23.79 3.41
CA LEU E 127 33.40 -25.21 3.08
C LEU E 127 33.01 -26.03 4.29
N LYS E 128 33.58 -25.73 5.46
CA LYS E 128 33.26 -26.50 6.65
C LYS E 128 31.78 -26.46 6.97
N SER E 129 31.11 -25.33 6.75
CA SER E 129 29.73 -25.17 7.19
C SER E 129 28.70 -25.45 6.09
N GLY E 130 29.10 -26.07 4.98
CA GLY E 130 28.13 -26.74 4.10
C GLY E 130 27.97 -26.19 2.70
N THR E 131 28.55 -25.05 2.35
CA THR E 131 28.31 -24.46 1.03
C THR E 131 29.60 -23.86 0.49
N ALA E 132 29.66 -23.75 -0.84
CA ALA E 132 30.83 -23.24 -1.55
C ALA E 132 30.42 -22.09 -2.46
N SER E 133 31.07 -20.95 -2.28
CA SER E 133 30.80 -19.76 -3.10
C SER E 133 32.07 -19.36 -3.83
N VAL E 134 32.01 -19.35 -5.15
CA VAL E 134 33.13 -18.89 -5.97
C VAL E 134 32.77 -17.52 -6.53
N VAL E 135 33.69 -16.57 -6.42
CA VAL E 135 33.44 -15.21 -6.83
C VAL E 135 34.27 -14.88 -8.07
N CYS E 136 33.62 -14.33 -9.09
CA CYS E 136 34.29 -13.82 -10.27
C CYS E 136 34.17 -12.30 -10.26
N LEU E 137 35.29 -11.62 -10.51
CA LEU E 137 35.39 -10.19 -10.29
C LEU E 137 35.78 -9.50 -11.60
N LEU E 138 34.91 -8.61 -12.11
CA LEU E 138 35.22 -7.75 -13.26
C LEU E 138 35.48 -6.34 -12.75
N ASN E 139 36.70 -5.85 -12.91
CA ASN E 139 37.09 -4.56 -12.36
C ASN E 139 37.19 -3.49 -13.43
N ASN E 140 36.63 -2.31 -13.12
CA ASN E 140 36.89 -1.05 -13.83
C ASN E 140 36.69 -1.18 -15.33
N PHE E 141 35.46 -1.46 -15.71
CA PHE E 141 35.12 -1.62 -17.13
C PHE E 141 34.00 -0.68 -17.53
N TYR E 142 33.82 -0.55 -18.85
CA TYR E 142 32.81 0.28 -19.50
C TYR E 142 32.75 -0.17 -20.96
N PRO E 143 31.57 -0.50 -21.52
CA PRO E 143 30.20 -0.43 -20.99
C PRO E 143 29.90 -1.44 -19.88
N ARG E 144 28.76 -1.20 -19.24
CA ARG E 144 28.32 -2.02 -18.12
C ARG E 144 27.83 -3.37 -18.59
N GLU E 145 27.20 -3.41 -19.75
CA GLU E 145 26.67 -4.65 -20.30
C GLU E 145 27.79 -5.67 -20.40
N ALA E 146 27.67 -6.75 -19.66
CA ALA E 146 28.68 -7.79 -19.70
C ALA E 146 28.02 -9.16 -19.57
N LYS E 147 28.80 -10.16 -19.92
CA LYS E 147 28.38 -11.55 -19.90
C LYS E 147 29.35 -12.26 -18.98
N VAL E 148 28.84 -12.91 -17.94
CA VAL E 148 29.66 -13.76 -17.10
C VAL E 148 28.96 -15.10 -17.04
N GLN E 149 29.66 -16.14 -17.48
CA GLN E 149 29.11 -17.47 -17.56
C GLN E 149 30.06 -18.43 -16.86
N TRP E 150 29.50 -19.31 -16.04
CA TRP E 150 30.26 -20.28 -15.27
C TRP E 150 30.28 -21.62 -15.98
N LYS E 151 31.36 -22.37 -15.80
CA LYS E 151 31.54 -23.64 -16.49
C LYS E 151 32.39 -24.54 -15.59
N VAL E 152 31.72 -25.27 -14.71
CA VAL E 152 32.39 -26.21 -13.82
C VAL E 152 32.59 -27.54 -14.56
N ASP E 153 33.83 -28.00 -14.62
CA ASP E 153 34.18 -29.18 -15.42
C ASP E 153 33.63 -29.05 -16.84
N ASN E 154 33.80 -27.85 -17.42
CA ASN E 154 33.33 -27.54 -18.79
C ASN E 154 31.84 -27.84 -18.95
N ALA E 155 31.06 -27.48 -17.94
CA ALA E 155 29.61 -27.60 -17.99
C ALA E 155 29.01 -26.25 -17.62
N LEU E 156 28.35 -25.60 -18.58
CA LEU E 156 27.65 -24.35 -18.28
C LEU E 156 26.52 -24.61 -17.31
N GLN E 157 26.28 -23.67 -16.39
CA GLN E 157 25.24 -23.79 -15.39
C GLN E 157 24.16 -22.74 -15.60
N SER E 158 23.03 -22.96 -14.92
CA SER E 158 21.95 -22.00 -14.90
C SER E 158 21.31 -22.04 -13.51
N GLY E 159 20.82 -20.88 -13.07
CA GLY E 159 20.14 -20.75 -11.79
C GLY E 159 21.00 -20.46 -10.56
N ASN E 160 22.18 -21.09 -10.47
CA ASN E 160 22.97 -21.16 -9.24
C ASN E 160 24.01 -20.05 -9.12
N SER E 161 23.75 -18.87 -9.69
CA SER E 161 24.68 -17.75 -9.58
C SER E 161 23.90 -16.44 -9.61
N GLN E 162 24.51 -15.40 -9.08
CA GLN E 162 23.87 -14.09 -8.94
C GLN E 162 24.90 -13.00 -9.21
N GLU E 163 24.42 -11.82 -9.62
CA GLU E 163 25.30 -10.77 -10.07
C GLU E 163 25.11 -9.48 -9.29
N SER E 164 26.22 -8.80 -9.05
CA SER E 164 26.25 -7.48 -8.45
C SER E 164 27.08 -6.54 -9.31
N VAL E 165 26.56 -5.33 -9.53
CA VAL E 165 27.24 -4.26 -10.26
C VAL E 165 27.28 -3.03 -9.38
N THR E 166 28.47 -2.46 -9.21
CA THR E 166 28.59 -1.18 -8.53
C THR E 166 27.85 -0.09 -9.31
N GLU E 167 27.62 1.03 -8.65
CA GLU E 167 27.22 2.20 -9.40
C GLU E 167 28.45 2.79 -10.05
N GLN E 168 28.24 3.62 -11.07
CA GLN E 168 29.34 4.12 -11.88
C GLN E 168 30.33 4.91 -11.01
N ASP E 169 31.59 4.47 -11.01
CA ASP E 169 32.63 5.26 -10.37
C ASP E 169 32.44 6.68 -10.86
N SER E 170 32.26 7.63 -9.95
CA SER E 170 32.15 9.01 -10.41
C SER E 170 33.44 9.77 -10.21
N LYS E 171 34.57 9.16 -10.57
CA LYS E 171 35.80 9.90 -10.84
C LYS E 171 36.46 9.41 -12.12
N ASP E 172 36.53 8.10 -12.33
CA ASP E 172 37.02 7.57 -13.58
C ASP E 172 35.91 6.97 -14.44
N SER E 173 34.67 6.91 -13.96
CA SER E 173 33.48 6.65 -14.78
C SER E 173 33.36 5.21 -15.26
N THR E 174 34.01 4.26 -14.59
CA THR E 174 33.91 2.84 -14.93
C THR E 174 32.99 2.09 -13.97
N TYR E 175 32.97 0.78 -14.12
CA TYR E 175 32.07 -0.13 -13.41
C TYR E 175 32.85 -1.32 -12.89
N SER E 176 32.36 -1.89 -11.79
CA SER E 176 32.85 -3.19 -11.34
C SER E 176 31.66 -4.12 -11.19
N LEU E 177 31.91 -5.41 -11.40
CA LEU E 177 30.84 -6.39 -11.32
C LEU E 177 31.32 -7.61 -10.53
N SER E 178 30.43 -8.20 -9.73
CA SER E 178 30.70 -9.48 -9.09
C SER E 178 29.71 -10.52 -9.58
N SER E 179 30.19 -11.76 -9.71
CA SER E 179 29.37 -12.91 -10.04
C SER E 179 29.76 -14.05 -9.11
N THR E 180 28.85 -14.48 -8.25
CA THR E 180 29.13 -15.52 -7.26
C THR E 180 28.40 -16.79 -7.64
N LEU E 181 29.17 -17.86 -7.84
CA LEU E 181 28.63 -19.20 -8.11
C LEU E 181 28.57 -19.96 -6.79
N THR E 182 27.36 -20.18 -6.28
CA THR E 182 27.15 -20.80 -4.98
C THR E 182 26.74 -22.26 -5.18
N LEU E 183 27.40 -23.17 -4.45
CA LEU E 183 27.16 -24.59 -4.57
C LEU E 183 27.21 -25.26 -3.20
N SER E 184 26.69 -26.48 -3.14
CA SER E 184 26.84 -27.31 -1.94
C SER E 184 28.25 -27.90 -1.87
N LYS E 185 28.65 -28.30 -0.67
CA LYS E 185 29.98 -28.87 -0.50
C LYS E 185 30.17 -30.14 -1.33
N ALA E 186 29.11 -30.96 -1.45
CA ALA E 186 29.20 -32.17 -2.26
C ALA E 186 29.37 -31.84 -3.74
N ASP E 187 28.47 -31.02 -4.29
CA ASP E 187 28.56 -30.63 -5.70
C ASP E 187 29.96 -30.08 -6.01
N TYR E 188 30.48 -29.23 -5.13
CA TYR E 188 31.80 -28.63 -5.38
C TYR E 188 32.90 -29.68 -5.28
N GLU E 189 32.79 -30.61 -4.32
CA GLU E 189 33.80 -31.64 -4.18
C GLU E 189 33.72 -32.72 -5.26
N LYS E 190 32.70 -32.67 -6.11
CA LYS E 190 32.50 -33.66 -7.16
C LYS E 190 33.21 -33.30 -8.46
N HIS E 191 33.72 -32.07 -8.58
CA HIS E 191 34.34 -31.54 -9.78
C HIS E 191 35.64 -30.85 -9.39
N LYS E 192 36.41 -30.37 -10.38
CA LYS E 192 37.76 -29.89 -10.10
C LYS E 192 38.10 -28.57 -10.78
N VAL E 193 37.55 -28.36 -11.97
CA VAL E 193 37.82 -27.18 -12.78
C VAL E 193 36.68 -26.19 -12.60
N TYR E 194 36.99 -25.03 -12.06
CA TYR E 194 36.05 -23.93 -11.88
C TYR E 194 36.48 -22.76 -12.75
N ALA E 195 35.60 -22.37 -13.68
CA ALA E 195 35.98 -21.40 -14.68
C ALA E 195 34.87 -20.38 -14.90
N CYS E 196 35.28 -19.13 -15.03
CA CYS E 196 34.41 -17.98 -15.31
C CYS E 196 34.75 -17.48 -16.71
N GLU E 197 33.73 -17.25 -17.55
CA GLU E 197 33.93 -16.80 -18.92
C GLU E 197 33.27 -15.43 -19.11
N VAL E 198 34.08 -14.42 -19.42
CA VAL E 198 33.66 -13.03 -19.50
C VAL E 198 33.74 -12.57 -20.94
N THR E 199 32.64 -12.01 -21.46
CA THR E 199 32.64 -11.36 -22.75
C THR E 199 32.14 -9.93 -22.59
N HIS E 200 32.85 -8.99 -23.21
CA HIS E 200 32.64 -7.55 -23.03
C HIS E 200 33.21 -6.83 -24.25
N GLN E 201 32.70 -5.60 -24.47
CA GLN E 201 33.11 -4.81 -25.62
C GLN E 201 34.61 -4.55 -25.63
N GLY E 202 35.24 -4.52 -24.46
CA GLY E 202 36.65 -4.23 -24.32
C GLY E 202 37.56 -5.38 -24.66
N LEU E 203 36.99 -6.56 -24.89
CA LEU E 203 37.72 -7.80 -25.07
C LEU E 203 37.52 -8.23 -26.51
N SER E 204 38.63 -8.41 -27.25
CA SER E 204 38.51 -8.99 -28.58
C SER E 204 38.25 -10.49 -28.50
N SER E 205 38.98 -11.21 -27.62
CA SER E 205 38.55 -12.58 -27.44
C SER E 205 37.99 -12.78 -26.03
N PRO E 206 36.90 -13.53 -25.88
CA PRO E 206 36.32 -13.77 -24.56
C PRO E 206 37.36 -14.27 -23.57
N VAL E 207 37.37 -13.66 -22.40
CA VAL E 207 38.35 -14.01 -21.37
C VAL E 207 37.77 -15.16 -20.55
N THR E 208 38.66 -16.02 -20.04
CA THR E 208 38.24 -17.11 -19.17
C THR E 208 39.25 -17.22 -18.04
N LYS E 209 38.80 -16.95 -16.80
CA LYS E 209 39.63 -17.15 -15.63
C LYS E 209 39.22 -18.43 -14.91
N SER E 210 40.20 -19.16 -14.39
CA SER E 210 39.89 -20.47 -13.84
C SER E 210 40.84 -20.80 -12.70
N PHE E 211 40.50 -21.90 -12.03
CA PHE E 211 41.29 -22.44 -10.94
C PHE E 211 40.88 -23.90 -10.76
N ASN E 212 41.78 -24.65 -10.14
CA ASN E 212 41.64 -26.09 -10.00
C ASN E 212 41.57 -26.44 -8.53
N ARG E 213 40.47 -27.07 -8.12
CA ARG E 213 40.23 -27.39 -6.72
C ARG E 213 41.38 -28.20 -6.11
N VAL F 9 25.80 23.27 10.98
CA VAL F 9 24.41 22.86 10.81
C VAL F 9 24.28 21.35 10.60
N GLN F 10 23.55 20.66 11.49
CA GLN F 10 23.45 19.21 11.41
C GLN F 10 22.04 18.73 11.71
N LEU F 11 21.59 17.77 10.92
CA LEU F 11 20.36 17.01 11.12
C LEU F 11 20.74 15.55 11.30
N VAL F 12 20.36 14.95 12.44
CA VAL F 12 20.71 13.56 12.74
C VAL F 12 19.45 12.75 13.00
N GLU F 13 19.20 11.75 12.15
CA GLU F 13 18.06 10.86 12.34
C GLU F 13 18.47 9.60 13.08
N SER F 14 17.56 9.10 13.90
CA SER F 14 17.71 7.79 14.52
C SER F 14 16.34 7.15 14.65
N GLY F 15 16.34 5.85 15.03
CA GLY F 15 15.13 5.12 15.32
C GLY F 15 14.66 4.14 14.28
N GLY F 16 15.35 4.03 13.14
CA GLY F 16 14.98 3.05 12.15
C GLY F 16 15.20 1.63 12.63
N GLY F 17 14.57 0.70 11.91
CA GLY F 17 14.84 -0.70 12.12
C GLY F 17 13.79 -1.58 11.48
N LEU F 18 13.86 -2.87 11.84
CA LEU F 18 12.91 -3.84 11.34
C LEU F 18 11.68 -3.84 12.24
N VAL F 19 10.53 -4.08 11.63
CA VAL F 19 9.23 -4.00 12.29
C VAL F 19 8.22 -4.79 11.47
N GLN F 20 7.36 -5.50 12.17
CA GLN F 20 6.34 -6.32 11.51
C GLN F 20 5.17 -5.47 11.01
N PRO F 21 4.55 -5.86 9.90
CA PRO F 21 3.37 -5.15 9.41
C PRO F 21 2.34 -4.95 10.52
N GLY F 22 1.73 -3.76 10.53
CA GLY F 22 0.79 -3.39 11.56
C GLY F 22 1.44 -2.84 12.80
N GLY F 23 2.76 -2.79 12.85
CA GLY F 23 3.46 -2.32 14.01
C GLY F 23 3.86 -0.87 13.89
N SER F 24 4.65 -0.43 14.86
CA SER F 24 4.87 0.98 15.09
C SER F 24 6.35 1.23 15.24
N LEU F 25 6.79 2.39 14.75
CA LEU F 25 8.16 2.82 14.94
C LEU F 25 8.12 4.32 15.19
N ARG F 26 9.09 4.81 15.95
CA ARG F 26 9.23 6.23 16.23
C ARG F 26 10.58 6.73 15.71
N LEU F 27 10.55 7.67 14.77
CA LEU F 27 11.77 8.27 14.27
C LEU F 27 11.97 9.64 14.92
N SER F 28 13.23 9.97 15.16
CA SER F 28 13.60 11.28 15.69
C SER F 28 14.59 11.95 14.75
N CYS F 29 14.60 13.29 14.77
CA CYS F 29 15.47 14.12 13.96
C CYS F 29 16.00 15.23 14.87
N ALA F 30 17.25 15.12 15.31
CA ALA F 30 17.90 16.13 16.14
C ALA F 30 18.56 17.17 15.24
N ALA F 31 18.22 18.46 15.46
CA ALA F 31 18.75 19.57 14.68
C ALA F 31 19.73 20.42 15.49
N SER F 32 20.76 20.89 14.80
CA SER F 32 21.74 21.79 15.38
C SER F 32 22.17 22.78 14.30
N GLY F 33 22.47 24.02 14.72
CA GLY F 33 23.10 24.99 13.85
C GLY F 33 22.14 25.95 13.16
N PHE F 34 20.85 25.84 13.44
CA PHE F 34 19.82 26.73 12.92
C PHE F 34 18.71 26.78 13.95
N SER F 35 17.91 27.84 13.89
CA SER F 35 16.77 27.97 14.80
C SER F 35 15.59 27.15 14.28
N PHE F 36 15.08 26.27 15.15
CA PHE F 36 13.84 25.55 14.86
C PHE F 36 12.70 26.50 14.50
N SER F 37 12.56 27.60 15.25
CA SER F 37 11.41 28.47 15.05
C SER F 37 11.45 29.20 13.73
N SER F 38 12.59 29.24 13.04
CA SER F 38 12.71 29.87 11.74
C SER F 38 12.57 28.90 10.58
N SER F 39 12.37 27.61 10.85
CA SER F 39 12.42 26.62 9.80
C SER F 39 11.19 25.72 9.86
N SER F 40 11.03 24.91 8.83
CA SER F 40 10.09 23.79 8.85
C SER F 40 10.87 22.48 8.73
N ILE F 41 10.41 21.48 9.46
CA ILE F 41 11.02 20.18 9.42
C ILE F 41 10.17 19.26 8.56
N HIS F 42 10.84 18.45 7.75
CA HIS F 42 10.15 17.58 6.86
C HIS F 42 10.73 16.20 6.98
N TRP F 43 9.93 15.21 6.58
CA TRP F 43 10.39 13.85 6.40
C TRP F 43 10.14 13.45 4.96
N VAL F 44 11.19 12.94 4.31
CA VAL F 44 11.15 12.47 2.93
C VAL F 44 11.70 11.07 2.92
N ARG F 45 11.01 10.15 2.25
CA ARG F 45 11.42 8.76 2.27
C ARG F 45 11.76 8.29 0.85
N GLN F 46 12.60 7.25 0.78
CA GLN F 46 12.97 6.63 -0.49
C GLN F 46 13.03 5.11 -0.32
N ALA F 47 12.12 4.41 -0.99
CA ALA F 47 12.15 2.96 -1.06
C ALA F 47 13.33 2.50 -1.93
N PRO F 48 13.82 1.25 -1.74
CA PRO F 48 15.02 0.79 -2.48
C PRO F 48 14.89 0.87 -3.99
N GLY F 49 15.79 1.63 -4.61
CA GLY F 49 15.75 1.85 -6.04
C GLY F 49 14.66 2.77 -6.57
N LYS F 50 13.89 3.44 -5.72
CA LYS F 50 12.78 4.28 -6.16
C LYS F 50 13.09 5.76 -5.90
N GLY F 51 12.16 6.62 -6.29
CA GLY F 51 12.38 8.05 -6.19
C GLY F 51 12.06 8.62 -4.81
N LEU F 52 12.25 9.93 -4.70
CA LEU F 52 11.89 10.66 -3.49
C LEU F 52 10.38 10.80 -3.34
N GLU F 53 9.90 10.68 -2.11
CA GLU F 53 8.49 10.85 -1.75
C GLU F 53 8.43 11.51 -0.39
N TRP F 54 7.89 12.74 -0.38
CA TRP F 54 7.67 13.48 0.85
C TRP F 54 6.61 12.79 1.70
N VAL F 55 6.84 12.78 3.02
CA VAL F 55 5.95 12.11 3.97
C VAL F 55 5.18 13.11 4.84
N ALA F 56 5.88 14.10 5.40
CA ALA F 56 5.19 14.99 6.34
C ALA F 56 6.09 16.17 6.66
N SER F 57 5.45 17.26 7.06
CA SER F 57 6.11 18.50 7.42
C SER F 57 5.44 19.08 8.65
N ILE F 58 6.21 19.89 9.39
CA ILE F 58 5.71 20.54 10.58
C ILE F 58 6.39 21.90 10.71
N SER F 59 5.58 22.90 11.11
CA SER F 59 6.08 24.21 11.51
C SER F 59 6.26 24.25 13.02
N PRO F 60 7.47 24.20 13.55
CA PRO F 60 7.62 24.36 15.00
C PRO F 60 7.02 25.65 15.52
N TYR F 61 7.20 26.76 14.80
CA TYR F 61 6.72 28.05 15.28
C TYR F 61 5.19 28.08 15.36
N TYR F 62 4.53 27.82 14.24
CA TYR F 62 3.08 27.92 14.15
C TYR F 62 2.36 26.65 14.55
N SER F 63 3.08 25.54 14.66
CA SER F 63 2.52 24.23 15.01
C SER F 63 1.68 23.63 13.89
N TYR F 64 1.82 24.11 12.66
CA TYR F 64 1.07 23.56 11.54
C TYR F 64 1.73 22.28 11.06
N THR F 65 0.92 21.34 10.58
CA THR F 65 1.41 20.07 10.05
C THR F 65 0.73 19.78 8.71
N SER F 66 1.43 18.96 7.88
CA SER F 66 0.96 18.45 6.59
C SER F 66 1.39 17.00 6.42
N TYR F 67 0.59 16.23 5.70
CA TYR F 67 0.90 14.83 5.46
C TYR F 67 0.57 14.46 4.03
N ALA F 68 1.34 13.50 3.50
CA ALA F 68 0.99 12.88 2.24
C ALA F 68 -0.22 11.98 2.43
N ASP F 69 -1.04 11.88 1.37
CA ASP F 69 -2.23 11.06 1.44
C ASP F 69 -1.92 9.62 1.86
N SER F 70 -0.83 9.05 1.34
CA SER F 70 -0.51 7.66 1.62
C SER F 70 -0.19 7.36 3.08
N VAL F 71 -0.04 8.38 3.94
CA VAL F 71 0.26 8.15 5.35
C VAL F 71 -0.71 8.83 6.31
N LYS F 72 -1.61 9.69 5.82
CA LYS F 72 -2.61 10.32 6.70
C LYS F 72 -3.36 9.28 7.53
N GLY F 73 -3.50 9.57 8.82
CA GLY F 73 -4.18 8.70 9.75
C GLY F 73 -3.31 7.62 10.37
N ARG F 74 -2.13 7.35 9.81
CA ARG F 74 -1.15 6.43 10.38
C ARG F 74 0.09 7.12 10.92
N PHE F 75 0.58 8.18 10.29
CA PHE F 75 1.75 8.90 10.78
C PHE F 75 1.33 10.20 11.43
N THR F 76 2.06 10.58 12.48
CA THR F 76 1.91 11.86 13.17
C THR F 76 3.32 12.44 13.32
N ILE F 77 3.51 13.65 12.82
CA ILE F 77 4.78 14.36 12.93
C ILE F 77 4.66 15.35 14.09
N SER F 78 5.76 15.62 14.77
CA SER F 78 5.68 16.51 15.93
C SER F 78 7.04 17.11 16.17
N ALA F 79 7.06 18.14 17.01
CA ALA F 79 8.30 18.89 17.23
C ALA F 79 8.37 19.32 18.69
N ASP F 80 9.59 19.33 19.21
CA ASP F 80 9.91 19.63 20.60
C ASP F 80 10.90 20.79 20.55
N THR F 81 10.40 22.02 20.72
CA THR F 81 11.25 23.17 20.47
C THR F 81 12.33 23.31 21.54
N SER F 82 12.08 22.81 22.75
CA SER F 82 13.08 22.88 23.80
C SER F 82 14.28 21.97 23.52
N LYS F 83 14.10 20.87 22.78
CA LYS F 83 15.20 19.98 22.45
C LYS F 83 15.70 20.15 21.02
N ASN F 84 15.09 21.04 20.23
CA ASN F 84 15.40 21.20 18.81
C ASN F 84 15.31 19.86 18.07
N THR F 85 14.25 19.10 18.34
CA THR F 85 14.11 17.76 17.81
C THR F 85 12.71 17.58 17.25
N ALA F 86 12.64 17.01 16.05
CA ALA F 86 11.37 16.63 15.45
C ALA F 86 11.23 15.11 15.43
N TYR F 87 9.99 14.65 15.31
CA TYR F 87 9.74 13.22 15.37
C TYR F 87 8.72 12.82 14.33
N LEU F 88 8.82 11.56 13.91
CA LEU F 88 7.81 10.89 13.09
C LEU F 88 7.38 9.63 13.83
N GLN F 89 6.20 9.68 14.46
CA GLN F 89 5.55 8.51 15.03
C GLN F 89 4.81 7.79 13.92
N MET F 90 5.26 6.59 13.57
CA MET F 90 4.71 5.78 12.50
C MET F 90 3.94 4.62 13.11
N ASN F 91 2.68 4.45 12.68
CA ASN F 91 1.77 3.41 13.17
C ASN F 91 1.17 2.65 12.01
N SER F 92 0.61 1.48 12.30
CA SER F 92 -0.05 0.66 11.29
C SER F 92 0.81 0.47 10.05
N LEU F 93 2.10 0.17 10.28
CA LEU F 93 3.06 0.13 9.19
C LEU F 93 2.70 -0.96 8.18
N ARG F 94 2.93 -0.66 6.91
CA ARG F 94 2.67 -1.55 5.79
C ARG F 94 3.98 -1.81 5.06
N ALA F 95 4.05 -2.93 4.35
CA ALA F 95 5.30 -3.29 3.70
C ALA F 95 5.78 -2.20 2.73
N GLU F 96 4.86 -1.49 2.07
CA GLU F 96 5.25 -0.45 1.12
C GLU F 96 5.79 0.81 1.80
N ASP F 97 5.77 0.86 3.13
CA ASP F 97 6.36 1.92 3.93
C ASP F 97 7.85 1.73 4.12
N THR F 98 8.39 0.65 3.56
CA THR F 98 9.81 0.36 3.65
C THR F 98 10.60 1.32 2.77
N ALA F 99 11.58 1.99 3.36
CA ALA F 99 12.33 3.04 2.68
C ALA F 99 13.42 3.52 3.62
N VAL F 100 14.33 4.31 3.07
CA VAL F 100 15.16 5.17 3.90
C VAL F 100 14.39 6.44 4.18
N TYR F 101 14.44 6.92 5.42
CA TYR F 101 13.69 8.08 5.84
C TYR F 101 14.67 9.19 6.19
N TYR F 102 14.64 10.26 5.40
CA TYR F 102 15.41 11.48 5.60
C TYR F 102 14.58 12.53 6.32
N CYS F 103 15.24 13.33 7.17
CA CYS F 103 14.63 14.57 7.60
C CYS F 103 15.39 15.73 6.97
N ALA F 104 14.68 16.86 6.83
CA ALA F 104 15.20 18.01 6.11
C ALA F 104 14.59 19.27 6.71
N ARG F 105 15.24 20.40 6.46
CA ARG F 105 14.72 21.68 6.93
C ARG F 105 14.58 22.64 5.76
N THR F 106 13.69 23.61 5.93
CA THR F 106 13.50 24.69 4.99
C THR F 106 13.33 25.97 5.77
N VAL F 107 13.87 27.06 5.24
CA VAL F 107 13.73 28.38 5.86
C VAL F 107 12.38 28.98 5.49
N ARG F 108 11.62 29.40 6.52
CA ARG F 108 10.24 29.83 6.33
C ARG F 108 10.12 31.23 5.70
N GLY F 109 10.83 32.21 6.23
CA GLY F 109 10.59 33.61 5.87
C GLY F 109 11.36 34.06 4.63
N SER F 110 10.62 34.59 3.64
CA SER F 110 11.23 34.91 2.35
C SER F 110 12.24 36.04 2.46
N LYS F 111 12.19 36.80 3.54
CA LYS F 111 13.15 37.86 3.80
C LYS F 111 14.32 37.42 4.67
N LYS F 112 14.25 36.22 5.27
CA LYS F 112 15.36 35.73 6.09
C LYS F 112 16.64 35.62 5.26
N PRO F 113 17.81 35.69 5.90
CA PRO F 113 19.05 35.74 5.09
C PRO F 113 19.30 34.45 4.32
N TYR F 114 19.12 33.27 4.94
CA TYR F 114 19.38 32.00 4.25
C TYR F 114 18.16 31.46 3.53
N PHE F 115 17.21 32.33 3.20
CA PHE F 115 16.04 31.90 2.47
C PHE F 115 16.47 31.28 1.14
N SER F 116 15.89 30.13 0.82
CA SER F 116 16.25 29.39 -0.38
C SER F 116 15.02 28.96 -1.13
N GLY F 117 14.00 29.82 -1.16
CA GLY F 117 12.84 29.54 -1.98
C GLY F 117 12.02 28.38 -1.47
N TRP F 118 12.05 28.13 -0.16
CA TRP F 118 11.42 26.99 0.49
C TRP F 118 11.95 25.66 -0.04
N ALA F 119 13.17 25.65 -0.57
CA ALA F 119 13.76 24.39 -0.97
C ALA F 119 14.45 23.74 0.22
N MET F 120 14.62 22.41 0.14
CA MET F 120 15.31 21.68 1.20
C MET F 120 16.81 21.78 0.99
N ASP F 121 17.49 22.54 1.86
CA ASP F 121 18.92 22.77 1.71
C ASP F 121 19.75 21.77 2.52
N TYR F 122 19.30 21.39 3.72
CA TYR F 122 20.01 20.47 4.60
C TYR F 122 19.20 19.22 4.83
N TRP F 123 19.84 18.08 4.65
CA TRP F 123 19.27 16.79 4.95
C TRP F 123 20.14 16.05 5.95
N GLY F 124 19.56 15.07 6.61
CA GLY F 124 20.33 14.06 7.29
C GLY F 124 20.72 12.94 6.36
N GLN F 125 21.52 12.02 6.88
CA GLN F 125 21.92 10.89 6.07
C GLN F 125 20.88 9.78 6.07
N GLY F 126 19.83 9.90 6.87
CA GLY F 126 18.72 8.99 6.66
C GLY F 126 18.79 7.76 7.56
N THR F 127 17.60 7.23 7.85
CA THR F 127 17.49 6.02 8.63
C THR F 127 16.57 5.07 7.88
N LEU F 128 16.94 3.79 7.90
CA LEU F 128 16.29 2.78 7.11
C LEU F 128 15.20 2.10 7.92
N VAL F 129 14.07 1.85 7.26
CA VAL F 129 12.88 1.29 7.91
C VAL F 129 12.44 0.14 7.03
N THR F 130 12.51 -1.07 7.58
CA THR F 130 12.07 -2.29 6.92
C THR F 130 10.80 -2.77 7.61
N VAL F 131 9.77 -3.06 6.84
CA VAL F 131 8.49 -3.55 7.36
C VAL F 131 8.25 -4.90 6.72
N SER F 132 8.41 -5.97 7.51
CA SER F 132 8.39 -7.31 6.96
C SER F 132 8.25 -8.26 8.12
N SER F 133 7.47 -9.32 7.94
CA SER F 133 7.29 -10.26 9.04
C SER F 133 8.43 -11.27 9.12
N ALA F 134 9.40 -11.19 8.21
CA ALA F 134 10.60 -12.02 8.28
C ALA F 134 11.48 -11.56 9.43
N SER F 135 12.14 -12.52 10.06
CA SER F 135 12.94 -12.27 11.24
C SER F 135 14.32 -11.74 10.87
N THR F 136 14.99 -11.14 11.86
CA THR F 136 16.40 -10.81 11.72
C THR F 136 17.26 -12.06 11.63
N LYS F 137 18.35 -11.96 10.87
CA LYS F 137 19.35 -13.01 10.75
C LYS F 137 20.68 -12.34 10.53
N GLY F 138 21.65 -12.60 11.41
CA GLY F 138 22.99 -12.10 11.24
C GLY F 138 23.71 -12.82 10.12
N PRO F 139 24.71 -12.17 9.53
CA PRO F 139 25.43 -12.77 8.42
C PRO F 139 26.54 -13.73 8.86
N SER F 140 26.78 -14.71 7.99
CA SER F 140 28.03 -15.45 7.96
C SER F 140 29.07 -14.67 7.14
N VAL F 141 30.28 -14.56 7.66
CA VAL F 141 31.34 -13.77 7.04
C VAL F 141 32.48 -14.70 6.61
N PHE F 142 32.77 -14.73 5.30
CA PHE F 142 33.83 -15.57 4.79
C PHE F 142 34.82 -14.73 3.99
N PRO F 143 36.12 -15.01 4.07
CA PRO F 143 37.10 -14.21 3.33
C PRO F 143 37.21 -14.59 1.87
N LEU F 144 37.56 -13.59 1.07
CA LEU F 144 37.90 -13.74 -0.34
C LEU F 144 39.42 -13.53 -0.42
N ALA F 145 40.15 -14.65 -0.36
CA ALA F 145 41.60 -14.62 -0.20
C ALA F 145 42.29 -14.28 -1.53
N PRO F 146 43.24 -13.34 -1.52
CA PRO F 146 44.05 -13.11 -2.72
C PRO F 146 44.90 -14.32 -3.09
N SER F 147 45.11 -14.49 -4.39
CA SER F 147 46.00 -15.49 -4.95
C SER F 147 46.67 -14.90 -6.19
N SER F 148 47.35 -15.75 -6.96
CA SER F 148 47.91 -15.29 -8.22
C SER F 148 46.81 -14.76 -9.13
N LYS F 149 45.58 -15.24 -8.93
CA LYS F 149 44.42 -14.82 -9.71
C LYS F 149 43.61 -13.74 -9.01
N SER F 150 44.29 -12.77 -8.37
CA SER F 150 43.66 -11.59 -7.78
C SER F 150 44.62 -10.40 -7.85
N GLY F 154 50.43 -4.81 -10.88
CA GLY F 154 51.10 -5.03 -9.61
C GLY F 154 50.19 -4.94 -8.40
N THR F 155 48.88 -4.96 -8.64
CA THR F 155 47.90 -4.84 -7.58
C THR F 155 47.19 -6.18 -7.35
N ALA F 156 46.87 -6.45 -6.08
CA ALA F 156 46.10 -7.62 -5.68
C ALA F 156 44.74 -7.21 -5.12
N ALA F 157 43.77 -8.10 -5.25
CA ALA F 157 42.41 -7.87 -4.78
C ALA F 157 42.06 -8.89 -3.71
N LEU F 158 41.55 -8.41 -2.57
CA LEU F 158 41.00 -9.29 -1.53
C LEU F 158 39.71 -8.68 -1.01
N GLY F 159 38.94 -9.50 -0.31
CA GLY F 159 37.70 -9.00 0.23
C GLY F 159 37.01 -9.96 1.19
N CYS F 160 35.75 -9.62 1.48
CA CYS F 160 34.92 -10.36 2.42
C CYS F 160 33.58 -10.68 1.80
N LEU F 161 33.17 -11.93 1.91
CA LEU F 161 31.81 -12.34 1.60
C LEU F 161 30.95 -12.23 2.86
N VAL F 162 29.92 -11.39 2.80
CA VAL F 162 28.98 -11.18 3.91
C VAL F 162 27.67 -11.81 3.47
N LYS F 163 27.41 -13.04 3.86
CA LYS F 163 26.37 -13.84 3.22
C LYS F 163 25.20 -14.10 4.16
N ASP F 164 23.99 -14.03 3.60
CA ASP F 164 22.77 -14.53 4.22
C ASP F 164 22.33 -13.80 5.48
N TYR F 165 21.97 -12.52 5.37
CA TYR F 165 21.47 -11.74 6.50
C TYR F 165 20.18 -11.03 6.11
N PHE F 166 19.38 -10.66 7.13
CA PHE F 166 18.19 -9.82 7.01
C PHE F 166 18.08 -9.00 8.28
N PRO F 167 17.62 -7.74 8.21
CA PRO F 167 17.39 -6.95 7.00
C PRO F 167 18.65 -6.18 6.64
N GLU F 168 18.58 -5.26 5.69
CA GLU F 168 19.65 -4.31 5.51
C GLU F 168 19.63 -3.36 6.71
N PRO F 169 20.74 -2.68 7.01
CA PRO F 169 22.02 -2.66 6.32
C PRO F 169 23.11 -3.42 7.05
N VAL F 170 24.24 -3.53 6.35
CA VAL F 170 25.51 -4.00 6.88
C VAL F 170 26.55 -2.96 6.50
N THR F 171 27.51 -2.75 7.40
CA THR F 171 28.70 -1.96 7.11
C THR F 171 29.94 -2.84 7.17
N VAL F 172 30.88 -2.59 6.26
CA VAL F 172 32.15 -3.30 6.19
C VAL F 172 33.25 -2.26 6.21
N SER F 173 34.21 -2.42 7.12
CA SER F 173 35.32 -1.49 7.24
C SER F 173 36.65 -2.23 7.17
N TRP F 174 37.72 -1.47 6.96
CA TRP F 174 39.07 -2.03 6.89
C TRP F 174 40.05 -1.21 7.73
N GLY F 182 41.92 0.28 -4.36
CA GLY F 182 40.60 0.93 -4.32
C GLY F 182 39.54 0.03 -3.73
N VAL F 183 38.56 0.63 -3.06
CA VAL F 183 37.49 -0.10 -2.38
C VAL F 183 36.26 -0.14 -3.28
N HIS F 184 35.83 -1.36 -3.65
CA HIS F 184 34.67 -1.59 -4.51
C HIS F 184 33.45 -1.93 -3.67
N THR F 185 32.48 -1.02 -3.64
CA THR F 185 31.25 -1.18 -2.87
C THR F 185 30.21 -1.87 -3.74
N PHE F 186 29.95 -3.16 -3.48
CA PHE F 186 28.95 -3.84 -4.30
C PHE F 186 27.58 -3.81 -3.60
N PRO F 187 26.51 -3.57 -4.36
CA PRO F 187 25.18 -3.61 -3.74
C PRO F 187 24.83 -5.04 -3.34
N ALA F 188 24.18 -5.16 -2.20
CA ALA F 188 23.73 -6.45 -1.70
C ALA F 188 22.71 -7.07 -2.65
N VAL F 189 22.78 -8.38 -2.83
CA VAL F 189 21.83 -9.11 -3.65
C VAL F 189 20.81 -9.81 -2.75
N LEU F 190 19.54 -9.65 -3.07
CA LEU F 190 18.47 -10.37 -2.39
C LEU F 190 18.38 -11.77 -2.98
N GLN F 191 18.81 -12.77 -2.21
CA GLN F 191 18.80 -14.15 -2.70
C GLN F 191 17.39 -14.73 -2.66
N SER F 192 17.22 -15.87 -3.33
CA SER F 192 15.89 -16.48 -3.44
C SER F 192 15.28 -16.72 -2.08
N SER F 193 16.11 -16.91 -1.05
CA SER F 193 15.67 -17.17 0.31
C SER F 193 15.07 -15.95 0.98
N GLY F 194 15.08 -14.78 0.35
CA GLY F 194 14.65 -13.58 1.02
C GLY F 194 15.67 -12.96 1.93
N LEU F 195 16.92 -13.42 1.84
CA LEU F 195 18.07 -12.92 2.58
C LEU F 195 19.05 -12.22 1.65
N TYR F 196 19.89 -11.38 2.23
CA TYR F 196 20.85 -10.58 1.46
C TYR F 196 22.25 -11.20 1.50
N SER F 197 23.04 -10.90 0.46
CA SER F 197 24.46 -11.21 0.47
C SER F 197 25.17 -10.06 -0.23
N LEU F 198 26.30 -9.62 0.33
CA LEU F 198 27.13 -8.67 -0.38
C LEU F 198 28.58 -9.13 -0.31
N SER F 199 29.37 -8.66 -1.28
CA SER F 199 30.81 -8.81 -1.28
C SER F 199 31.42 -7.42 -1.23
N ARG F 200 32.37 -7.21 -0.33
CA ARG F 200 33.16 -5.99 -0.34
C ARG F 200 34.57 -6.38 -0.76
N VAL F 201 35.13 -5.63 -1.71
CA VAL F 201 36.44 -5.91 -2.28
C VAL F 201 37.29 -4.66 -2.20
N VAL F 202 38.48 -4.79 -1.62
CA VAL F 202 39.47 -3.73 -1.66
C VAL F 202 40.68 -4.22 -2.46
N THR F 203 41.23 -3.33 -3.26
CA THR F 203 42.46 -3.60 -4.01
C THR F 203 43.64 -3.06 -3.21
N VAL F 204 44.67 -3.89 -3.04
CA VAL F 204 45.85 -3.52 -2.27
C VAL F 204 47.08 -3.87 -3.04
N PRO F 205 48.18 -3.15 -2.84
CA PRO F 205 49.45 -3.51 -3.45
C PRO F 205 49.90 -4.91 -3.03
N SER F 206 50.35 -5.69 -4.00
CA SER F 206 50.94 -6.99 -3.66
C SER F 206 52.22 -6.83 -2.85
N SER F 207 52.86 -5.65 -2.91
CA SER F 207 54.02 -5.36 -2.08
C SER F 207 53.67 -5.28 -0.60
N SER F 208 52.39 -5.38 -0.27
CA SER F 208 51.93 -5.14 1.10
C SER F 208 51.63 -6.41 1.87
N LEU F 209 51.36 -7.52 1.19
CA LEU F 209 51.11 -8.76 1.91
C LEU F 209 52.35 -9.16 2.69
N GLY F 210 52.13 -9.83 3.82
CA GLY F 210 53.27 -10.17 4.67
C GLY F 210 53.73 -9.07 5.59
N THR F 211 53.94 -7.86 5.06
CA THR F 211 54.21 -6.73 5.94
C THR F 211 53.00 -6.38 6.80
N GLN F 212 51.80 -6.53 6.24
CA GLN F 212 50.58 -6.13 6.92
C GLN F 212 49.46 -7.12 6.65
N THR F 213 48.69 -7.44 7.69
CA THR F 213 47.49 -8.24 7.57
C THR F 213 46.29 -7.32 7.35
N TYR F 214 45.23 -7.88 6.75
CA TYR F 214 44.07 -7.10 6.35
C TYR F 214 42.83 -7.58 7.07
N ILE F 215 42.05 -6.65 7.61
CA ILE F 215 40.92 -6.93 8.48
C ILE F 215 39.67 -6.29 7.91
N CYS F 216 38.59 -7.07 7.82
CA CYS F 216 37.29 -6.53 7.49
C CYS F 216 36.39 -6.63 8.72
N ASN F 217 35.88 -5.48 9.15
CA ASN F 217 34.94 -5.40 10.25
C ASN F 217 33.56 -5.37 9.64
N VAL F 218 32.73 -6.34 10.01
CA VAL F 218 31.38 -6.43 9.46
C VAL F 218 30.44 -6.21 10.61
N ASN F 219 29.59 -5.20 10.49
CA ASN F 219 28.65 -4.84 11.53
C ASN F 219 27.25 -4.91 10.95
N HIS F 220 26.43 -5.80 11.53
CA HIS F 220 25.01 -5.95 11.21
C HIS F 220 24.28 -5.60 12.50
N LYS F 221 23.93 -4.32 12.65
CA LYS F 221 23.22 -3.85 13.84
C LYS F 221 21.93 -4.62 14.12
N PRO F 222 21.02 -4.85 13.14
CA PRO F 222 19.72 -5.48 13.46
C PRO F 222 19.76 -6.84 14.15
N SER F 223 20.92 -7.49 14.18
CA SER F 223 21.10 -8.70 14.95
C SER F 223 22.31 -8.55 15.86
N ASN F 224 22.76 -7.31 16.05
CA ASN F 224 23.93 -6.99 16.84
C ASN F 224 25.07 -7.97 16.56
N THR F 225 25.46 -8.05 15.28
CA THR F 225 26.54 -8.93 14.90
C THR F 225 27.86 -8.16 14.81
N LYS F 226 28.93 -8.86 15.17
CA LYS F 226 30.29 -8.32 15.31
C LYS F 226 31.21 -9.42 14.82
N VAL F 227 31.84 -9.26 13.66
CA VAL F 227 32.94 -10.15 13.29
C VAL F 227 34.11 -9.28 12.86
N ASP F 228 35.31 -9.70 13.26
CA ASP F 228 36.56 -9.26 12.65
C ASP F 228 37.14 -10.49 12.00
N LYS F 229 37.10 -10.57 10.68
CA LYS F 229 37.62 -11.70 9.93
C LYS F 229 38.87 -11.24 9.18
N LYS F 230 40.00 -11.82 9.53
CA LYS F 230 41.27 -11.51 8.88
C LYS F 230 41.31 -12.14 7.50
N VAL F 231 41.66 -11.34 6.51
CA VAL F 231 41.75 -11.83 5.13
C VAL F 231 43.18 -12.25 4.89
N GLU F 232 43.36 -13.53 4.59
CA GLU F 232 44.63 -14.23 4.51
C GLU F 232 45.01 -14.50 3.05
N PRO F 233 46.27 -14.26 2.67
CA PRO F 233 46.80 -14.75 1.38
C PRO F 233 46.61 -16.26 1.24
N LYS F 234 46.41 -16.72 0.01
CA LYS F 234 46.23 -18.16 -0.27
C LYS F 234 45.04 -18.72 0.52
#